data_5HOO
#
_entry.id   5HOO
#
_cell.length_a   256.340
_cell.length_b   58.830
_cell.length_c   110.140
_cell.angle_alpha   90.000
_cell.angle_beta   94.910
_cell.angle_gamma   90.000
#
_symmetry.space_group_name_H-M   'C 1 2 1'
#
loop_
_entity.id
_entity.type
_entity.pdbx_description
1 polymer 'Mariner Mos1 transposase'
2 polymer 'Mos1 IR DNA NTS'
3 polymer 'Mos1 IR TS joined to Target DNA,Mos1 IR TS joined to Target DNA'
4 polymer 'Target DNA'
5 non-polymer 'MAGNESIUM ION'
6 water water
#
loop_
_entity_poly.entity_id
_entity_poly.type
_entity_poly.pdbx_seq_one_letter_code
_entity_poly.pdbx_strand_id
1 'polypeptide(L)'
;MSSFVPNKEQTRTVLIFCFHLKKTAAESHRMLVEAFGEQVPTVKTCERWFQRFKSGDFDVDDKEHGKPPKRYEDAELQAL
LDEDDAQTQKQLAEQLEVSQQAVSNRLREMGKIQKVGRWVPHELNERQMERRKNTCEILLSRYKRKSFLHRIVTGDEKWI
FFVNPKRKKSYVDPGQPATSTARPNRFGKKTMLCVWWDQSGVIYYELLKPGETVNAARYQQQLINLNRALQRKRPEYQKR
QHRVIFLHDNAPSHTARAVRDTLETLNWEVLPHAAYSPDLAPSDYHLFASMGHALAEQRFDSYESVKKWLDEWFAAKDDE
FYWRGIHKLPERWEKCVASDGKYFE
;
A,B
2 'polydeoxyribonucleotide'
;(DG)(DG)(DT)(DG)(DT)(DA)(DC)(DA)(DA)(DG)(DT)(DA)(DT)(DG)(DA)(DA)(DA)(DT)(DG)(DT)
(DC)(DG)(DT)(DT)(DT)
;
C,E
3 'polydeoxyribonucleotide'
;(DA)(DA)(DA)(DC)(DG)(DA)(DC)(DA)(DT)(DT)(DT)(DC)(DA)(DT)(DA)(DC)(DT)(DT)(DG)(DT)
(DA)(DC)(DA)(DC)(DC)(DT)(DG)(DA)(DT)(DA)(DG)(DC)(DA)(DG)(DT)(DG)
;
D,F
4 'polydeoxyribonucleotide' (DG)(DG)(DC)(DC)(DC)(DA)(DC)(DT)(DG)(DC) G,H
#
loop_
_chem_comp.id
_chem_comp.type
_chem_comp.name
_chem_comp.formula
DA DNA linking 2'-DEOXYADENOSINE-5'-MONOPHOSPHATE 'C10 H14 N5 O6 P'
DC DNA linking 2'-DEOXYCYTIDINE-5'-MONOPHOSPHATE 'C9 H14 N3 O7 P'
DG DNA linking 2'-DEOXYGUANOSINE-5'-MONOPHOSPHATE 'C10 H14 N5 O7 P'
DT DNA linking THYMIDINE-5'-MONOPHOSPHATE 'C10 H15 N2 O8 P'
MG non-polymer 'MAGNESIUM ION' 'Mg 2'
#
# COMPACT_ATOMS: atom_id res chain seq x y z
N SER A 3 -10.53 -50.05 23.71
CA SER A 3 -9.42 -49.02 23.53
C SER A 3 -10.00 -47.65 23.00
N PHE A 4 -10.93 -47.18 23.82
CA PHE A 4 -11.53 -45.86 23.69
C PHE A 4 -11.57 -45.19 25.05
N VAL A 5 -11.10 -43.96 25.10
CA VAL A 5 -11.17 -43.14 26.31
C VAL A 5 -12.06 -41.92 26.00
N PRO A 6 -13.12 -41.68 26.83
CA PRO A 6 -13.99 -40.54 26.62
C PRO A 6 -13.40 -39.27 27.21
N ASN A 7 -13.70 -38.14 26.59
CA ASN A 7 -13.28 -36.83 27.07
C ASN A 7 -14.18 -36.29 28.21
N LYS A 8 -13.98 -35.05 28.61
CA LYS A 8 -14.82 -34.41 29.63
C LYS A 8 -16.28 -34.31 29.19
N GLU A 9 -16.52 -33.83 27.97
CA GLU A 9 -17.87 -33.57 27.44
C GLU A 9 -18.70 -34.84 27.35
N GLN A 10 -18.12 -35.87 26.72
CA GLN A 10 -18.78 -37.17 26.54
C GLN A 10 -19.16 -37.79 27.88
N THR A 11 -18.26 -37.67 28.86
CA THR A 11 -18.51 -38.13 30.24
C THR A 11 -19.70 -37.42 30.88
N ARG A 12 -19.76 -36.10 30.74
CA ARG A 12 -20.85 -35.31 31.32
C ARG A 12 -22.20 -35.58 30.66
N THR A 13 -22.18 -35.89 29.36
CA THR A 13 -23.39 -36.30 28.64
C THR A 13 -23.96 -37.57 29.24
N VAL A 14 -23.09 -38.54 29.50
CA VAL A 14 -23.50 -39.81 30.08
C VAL A 14 -24.15 -39.58 31.46
N LEU A 15 -23.64 -38.63 32.23
CA LEU A 15 -24.27 -38.28 33.52
C LEU A 15 -25.67 -37.71 33.33
N ILE A 16 -25.86 -36.93 32.26
CA ILE A 16 -27.21 -36.47 31.88
C ILE A 16 -28.10 -37.69 31.59
N PHE A 17 -27.56 -38.64 30.84
CA PHE A 17 -28.27 -39.86 30.50
C PHE A 17 -28.69 -40.61 31.74
N CYS A 18 -27.74 -40.90 32.63
CA CYS A 18 -28.05 -41.62 33.87
C CYS A 18 -29.11 -40.89 34.71
N PHE A 19 -28.95 -39.58 34.84
CA PHE A 19 -29.89 -38.74 35.58
C PHE A 19 -31.32 -38.90 35.06
N HIS A 20 -31.49 -38.79 33.75
CA HIS A 20 -32.80 -38.98 33.08
C HIS A 20 -33.34 -40.41 33.20
N LEU A 21 -32.44 -41.38 33.36
CA LEU A 21 -32.83 -42.75 33.70
C LEU A 21 -33.14 -42.93 35.19
N LYS A 22 -33.31 -41.82 35.92
CA LYS A 22 -33.68 -41.84 37.35
C LYS A 22 -32.64 -42.57 38.22
N LYS A 23 -31.37 -42.54 37.78
CA LYS A 23 -30.32 -43.24 38.50
C LYS A 23 -29.81 -42.36 39.62
N THR A 24 -29.20 -43.02 40.60
CA THR A 24 -28.62 -42.35 41.77
C THR A 24 -27.19 -41.98 41.37
N ALA A 25 -26.58 -41.08 42.14
CA ALA A 25 -25.27 -40.56 41.76
C ALA A 25 -24.23 -41.66 41.74
N ALA A 26 -24.10 -42.35 42.87
CA ALA A 26 -23.11 -43.41 43.00
C ALA A 26 -23.37 -44.60 42.06
N GLU A 27 -24.65 -44.87 41.75
CA GLU A 27 -25.02 -45.95 40.81
C GLU A 27 -24.32 -45.68 39.48
N SER A 28 -24.54 -44.47 38.97
CA SER A 28 -23.96 -44.02 37.72
C SER A 28 -22.45 -44.20 37.71
N HIS A 29 -21.79 -43.72 38.76
CA HIS A 29 -20.33 -43.82 38.86
C HIS A 29 -19.85 -45.24 38.65
N ARG A 30 -20.52 -46.21 39.28
CA ARG A 30 -20.18 -47.64 39.08
C ARG A 30 -20.35 -48.11 37.64
N MET A 31 -21.35 -47.59 36.94
CA MET A 31 -21.56 -47.89 35.52
C MET A 31 -20.47 -47.29 34.63
N LEU A 32 -20.05 -46.07 34.95
CA LEU A 32 -18.94 -45.44 34.24
C LEU A 32 -17.68 -46.31 34.24
N VAL A 33 -17.39 -46.91 35.40
CA VAL A 33 -16.20 -47.76 35.55
C VAL A 33 -16.42 -49.10 34.84
N GLU A 34 -17.62 -49.65 34.95
CA GLU A 34 -18.01 -50.87 34.22
C GLU A 34 -17.77 -50.71 32.71
N ALA A 35 -18.01 -49.50 32.20
CA ALA A 35 -17.78 -49.17 30.79
C ALA A 35 -16.32 -48.87 30.49
N PHE A 36 -15.82 -47.80 31.09
CA PHE A 36 -14.55 -47.18 30.67
C PHE A 36 -13.33 -47.46 31.55
N GLY A 37 -13.49 -48.30 32.57
CA GLY A 37 -12.41 -48.58 33.50
C GLY A 37 -12.17 -47.45 34.48
N GLU A 38 -11.01 -47.49 35.13
CA GLU A 38 -10.72 -46.62 36.29
C GLU A 38 -10.39 -45.17 35.96
N GLN A 39 -10.41 -44.81 34.68
CA GLN A 39 -9.94 -43.49 34.24
C GLN A 39 -10.93 -42.39 34.62
N VAL A 40 -12.19 -42.78 34.79
CA VAL A 40 -13.32 -41.85 34.98
C VAL A 40 -13.29 -41.14 36.33
N PRO A 41 -14.14 -40.10 36.50
CA PRO A 41 -14.01 -39.26 37.70
C PRO A 41 -14.50 -39.91 38.98
N THR A 42 -14.30 -39.19 40.08
CA THR A 42 -14.74 -39.62 41.39
C THR A 42 -16.26 -39.61 41.47
N VAL A 43 -16.80 -40.25 42.51
CA VAL A 43 -18.22 -40.16 42.82
C VAL A 43 -18.61 -38.73 43.17
N LYS A 44 -17.68 -37.98 43.77
CA LYS A 44 -17.96 -36.65 44.27
C LYS A 44 -18.35 -35.72 43.13
N THR A 45 -17.67 -35.82 42.00
CA THR A 45 -18.02 -34.96 40.86
C THR A 45 -19.36 -35.37 40.27
N CYS A 46 -19.65 -36.66 40.21
CA CYS A 46 -20.97 -37.11 39.75
C CYS A 46 -22.08 -36.47 40.60
N GLU A 47 -21.90 -36.52 41.93
CA GLU A 47 -22.83 -35.88 42.88
C GLU A 47 -23.01 -34.37 42.60
N ARG A 48 -21.93 -33.69 42.23
CA ARG A 48 -21.97 -32.26 41.88
C ARG A 48 -22.81 -32.00 40.63
N TRP A 49 -22.46 -32.65 39.52
CA TRP A 49 -23.22 -32.49 38.26
C TRP A 49 -24.71 -32.76 38.41
N PHE A 50 -25.06 -33.72 39.26
CA PHE A 50 -26.44 -34.00 39.61
C PHE A 50 -27.14 -32.79 40.24
N GLN A 51 -26.42 -32.03 41.06
CA GLN A 51 -26.96 -30.78 41.59
C GLN A 51 -27.32 -29.83 40.46
N ARG A 52 -26.41 -29.67 39.49
CA ARG A 52 -26.65 -28.78 38.35
C ARG A 52 -27.82 -29.21 37.50
N PHE A 53 -27.97 -30.53 37.33
CA PHE A 53 -29.10 -31.05 36.57
C PHE A 53 -30.42 -30.80 37.30
N LYS A 54 -30.41 -30.94 38.64
CA LYS A 54 -31.60 -30.62 39.47
C LYS A 54 -32.04 -29.14 39.39
N SER A 55 -31.13 -28.25 39.00
CA SER A 55 -31.48 -26.88 38.60
C SER A 55 -31.45 -26.72 37.07
N GLY A 56 -31.91 -27.74 36.33
CA GLY A 56 -31.98 -27.72 34.85
C GLY A 56 -30.83 -27.15 34.04
N ASP A 57 -29.61 -27.15 34.58
CA ASP A 57 -28.43 -26.63 33.88
C ASP A 57 -27.72 -27.80 33.20
N PHE A 58 -28.12 -28.09 31.97
CA PHE A 58 -27.53 -29.16 31.17
C PHE A 58 -26.40 -28.66 30.25
N ASP A 59 -25.85 -27.50 30.55
CA ASP A 59 -24.63 -27.06 29.90
C ASP A 59 -23.54 -28.03 30.31
N VAL A 60 -22.82 -28.52 29.33
CA VAL A 60 -21.71 -29.45 29.52
C VAL A 60 -20.36 -28.70 29.60
N ASP A 61 -20.20 -27.62 28.83
CA ASP A 61 -18.99 -26.78 28.89
C ASP A 61 -18.79 -26.20 30.28
N ASP A 62 -17.52 -26.04 30.66
CA ASP A 62 -17.21 -25.39 31.92
C ASP A 62 -17.81 -24.01 31.93
N LYS A 63 -18.10 -23.50 33.11
CA LYS A 63 -18.23 -22.07 33.31
C LYS A 63 -16.83 -21.49 33.05
N GLU A 64 -16.76 -20.26 32.55
CA GLU A 64 -15.47 -19.66 32.16
C GLU A 64 -14.56 -19.53 33.38
N HIS A 65 -13.32 -20.01 33.27
CA HIS A 65 -12.37 -20.05 34.40
C HIS A 65 -11.82 -18.65 34.69
N GLY A 66 -11.07 -18.57 35.79
CA GLY A 66 -10.27 -17.39 36.10
C GLY A 66 -9.35 -17.04 34.97
N LYS A 67 -8.88 -15.79 34.97
CA LYS A 67 -8.02 -15.27 33.93
C LYS A 67 -7.27 -14.04 34.46
N PRO A 68 -6.11 -13.70 33.87
CA PRO A 68 -5.39 -12.54 34.36
C PRO A 68 -6.14 -11.24 34.04
N PRO A 69 -6.15 -10.27 34.97
CA PRO A 69 -6.85 -9.02 34.70
C PRO A 69 -6.15 -8.15 33.65
N LYS A 70 -6.94 -7.35 32.94
CA LYS A 70 -6.42 -6.48 31.88
C LYS A 70 -5.54 -5.35 32.42
N ARG A 71 -4.44 -5.07 31.72
CA ARG A 71 -3.47 -4.05 32.16
C ARG A 71 -4.03 -2.66 31.87
N TYR A 72 -4.76 -2.58 30.77
CA TYR A 72 -5.46 -1.38 30.35
C TYR A 72 -6.78 -1.83 29.76
N GLU A 73 -7.70 -0.89 29.55
CA GLU A 73 -9.04 -1.19 29.00
C GLU A 73 -9.27 -0.62 27.60
N ASP A 74 -10.24 -1.21 26.89
CA ASP A 74 -10.57 -0.84 25.51
C ASP A 74 -10.67 0.69 25.28
N ALA A 75 -11.37 1.38 26.18
CA ALA A 75 -11.56 2.83 26.07
C ALA A 75 -10.33 3.64 26.46
N GLU A 76 -9.40 3.04 27.23
CA GLU A 76 -8.09 3.68 27.53
C GLU A 76 -7.18 3.76 26.30
N LEU A 77 -7.32 2.77 25.40
CA LEU A 77 -6.68 2.76 24.08
C LEU A 77 -7.43 3.63 23.07
N GLN A 78 -8.76 3.53 23.08
CA GLN A 78 -9.61 4.36 22.23
C GLN A 78 -9.33 5.87 22.42
N ALA A 79 -9.14 6.26 23.69
CA ALA A 79 -8.75 7.62 24.07
C ALA A 79 -7.51 8.12 23.31
N LEU A 80 -6.53 7.24 23.17
CA LEU A 80 -5.30 7.55 22.46
C LEU A 80 -5.46 7.67 20.93
N LEU A 81 -6.41 6.94 20.37
CA LEU A 81 -6.70 7.02 18.92
C LEU A 81 -7.52 8.26 18.55
N ASP A 82 -8.36 8.73 19.48
CA ASP A 82 -9.10 9.99 19.29
C ASP A 82 -8.16 11.21 19.33
N GLU A 83 -7.18 11.19 20.24
CA GLU A 83 -6.05 12.14 20.23
C GLU A 83 -5.33 12.15 18.86
N ASP A 84 -4.97 10.96 18.37
CA ASP A 84 -4.16 10.83 17.17
C ASP A 84 -4.38 9.48 16.45
N ASP A 85 -5.27 9.51 15.44
CA ASP A 85 -5.61 8.36 14.58
C ASP A 85 -4.40 7.55 14.15
N ALA A 86 -3.43 8.25 13.56
CA ALA A 86 -2.27 7.63 12.90
C ALA A 86 -1.08 7.57 13.83
N GLN A 87 -0.87 6.40 14.42
CA GLN A 87 0.12 6.22 15.46
C GLN A 87 0.62 4.76 15.36
N THR A 88 1.93 4.57 15.43
CA THR A 88 2.55 3.25 15.28
C THR A 88 2.24 2.38 16.52
N GLN A 89 2.07 1.07 16.33
CA GLN A 89 1.72 0.16 17.45
C GLN A 89 2.72 0.21 18.59
N LYS A 90 4.01 0.37 18.29
CA LYS A 90 5.03 0.53 19.33
C LYS A 90 4.88 1.86 20.10
N GLN A 91 4.34 2.90 19.46
CA GLN A 91 4.11 4.19 20.12
C GLN A 91 2.99 4.11 21.15
N LEU A 92 1.86 3.50 20.73
CA LEU A 92 0.70 3.25 21.61
C LEU A 92 1.07 2.33 22.77
N ALA A 93 1.76 1.23 22.43
CA ALA A 93 2.28 0.28 23.41
C ALA A 93 3.12 0.91 24.53
N GLU A 94 3.99 1.85 24.17
CA GLU A 94 4.81 2.57 25.16
C GLU A 94 3.96 3.39 26.14
N GLN A 95 2.92 4.05 25.63
CA GLN A 95 2.00 4.82 26.49
C GLN A 95 1.18 3.91 27.43
N LEU A 96 0.66 2.80 26.90
CA LEU A 96 -0.10 1.82 27.72
C LEU A 96 0.77 0.93 28.61
N GLU A 97 2.08 0.96 28.40
CA GLU A 97 3.05 0.16 29.18
C GLU A 97 2.88 -1.35 28.92
N VAL A 98 2.51 -1.70 27.69
CA VAL A 98 2.35 -3.09 27.24
C VAL A 98 3.23 -3.24 25.98
N SER A 99 3.22 -4.42 25.37
CA SER A 99 4.04 -4.69 24.19
C SER A 99 3.33 -4.29 22.90
N GLN A 100 4.11 -4.25 21.81
CA GLN A 100 3.58 -4.02 20.46
C GLN A 100 2.57 -5.08 20.07
N GLN A 101 2.90 -6.32 20.39
CA GLN A 101 2.10 -7.48 20.03
C GLN A 101 0.78 -7.46 20.76
N ALA A 102 0.81 -6.95 22.00
CA ALA A 102 -0.38 -6.82 22.83
C ALA A 102 -1.42 -5.96 22.15
N VAL A 103 -1.00 -4.78 21.71
CA VAL A 103 -1.92 -3.86 21.03
C VAL A 103 -2.39 -4.43 19.71
N SER A 104 -1.49 -5.03 18.93
CA SER A 104 -1.87 -5.69 17.67
C SER A 104 -3.18 -6.47 17.79
N ASN A 105 -3.27 -7.27 18.85
CA ASN A 105 -4.45 -8.08 19.14
C ASN A 105 -5.64 -7.22 19.52
N ARG A 106 -5.45 -6.35 20.50
CA ARG A 106 -6.55 -5.52 21.01
C ARG A 106 -7.23 -4.65 19.98
N LEU A 107 -6.49 -4.24 18.96
CA LEU A 107 -7.05 -3.47 17.85
C LEU A 107 -7.95 -4.31 16.96
N ARG A 108 -7.73 -5.62 16.98
CA ARG A 108 -8.54 -6.55 16.25
C ARG A 108 -9.63 -7.19 17.14
N GLU A 109 -9.40 -7.21 18.45
CA GLU A 109 -10.44 -7.52 19.43
C GLU A 109 -11.48 -6.39 19.38
N MET A 110 -11.01 -5.14 19.32
CA MET A 110 -11.87 -4.00 18.89
C MET A 110 -12.03 -4.05 17.38
N GLY A 111 -12.87 -3.19 16.82
CA GLY A 111 -13.23 -3.28 15.41
C GLY A 111 -12.23 -2.75 14.39
N LYS A 112 -11.04 -2.33 14.83
CA LYS A 112 -10.19 -1.39 14.07
C LYS A 112 -9.48 -2.02 12.86
N ILE A 113 -9.18 -1.18 11.87
CA ILE A 113 -8.38 -1.55 10.71
C ILE A 113 -7.46 -0.42 10.29
N GLN A 114 -6.46 -0.75 9.49
CA GLN A 114 -5.48 0.21 9.00
C GLN A 114 -5.93 0.78 7.66
N LYS A 115 -6.07 2.10 7.56
CA LYS A 115 -6.38 2.76 6.29
C LYS A 115 -5.28 3.75 5.95
N VAL A 116 -5.11 4.03 4.66
CA VAL A 116 -4.03 4.91 4.16
C VAL A 116 -4.47 6.36 3.98
N GLY A 117 -3.58 7.25 4.37
CA GLY A 117 -3.83 8.69 4.43
C GLY A 117 -4.01 9.31 3.06
N ARG A 118 -5.25 9.69 2.79
CA ARG A 118 -5.62 10.33 1.55
C ARG A 118 -4.76 11.58 1.25
N TRP A 119 -4.28 11.70 0.01
CA TRP A 119 -3.50 12.87 -0.41
C TRP A 119 -4.39 14.09 -0.67
N VAL A 120 -3.92 15.28 -0.28
CA VAL A 120 -4.59 16.56 -0.61
C VAL A 120 -3.61 17.54 -1.28
N PRO A 121 -4.12 18.48 -2.10
CA PRO A 121 -3.25 19.29 -2.95
C PRO A 121 -2.22 20.19 -2.25
N HIS A 122 -2.48 20.66 -1.02
CA HIS A 122 -1.66 21.74 -0.45
C HIS A 122 -1.85 21.95 1.05
N GLU A 123 -0.83 22.50 1.71
CA GLU A 123 -0.96 22.96 3.09
C GLU A 123 -1.57 24.36 3.04
N LEU A 124 -2.76 24.53 3.61
CA LEU A 124 -3.49 25.81 3.52
C LEU A 124 -3.24 26.74 4.71
N ASN A 125 -3.16 28.04 4.41
CA ASN A 125 -3.19 29.09 5.42
C ASN A 125 -4.56 29.28 6.01
N GLU A 126 -4.60 29.93 7.17
CA GLU A 126 -5.86 30.36 7.74
C GLU A 126 -6.58 31.30 6.75
N ARG A 127 -5.84 32.21 6.10
CA ARG A 127 -6.44 33.10 5.09
C ARG A 127 -6.90 32.33 3.86
N GLN A 128 -5.98 31.64 3.19
CA GLN A 128 -6.28 30.79 2.03
C GLN A 128 -7.57 29.98 2.16
N MET A 129 -7.84 29.47 3.35
CA MET A 129 -9.12 28.80 3.64
C MET A 129 -10.29 29.75 3.45
N GLU A 130 -10.34 30.82 4.24
CA GLU A 130 -11.49 31.76 4.17
C GLU A 130 -11.59 32.46 2.82
N ARG A 131 -10.45 32.65 2.15
CA ARG A 131 -10.39 33.07 0.75
C ARG A 131 -11.17 32.07 -0.14
N ARG A 132 -10.92 30.78 0.06
CA ARG A 132 -11.66 29.70 -0.62
C ARG A 132 -13.14 29.67 -0.22
N LYS A 133 -13.40 29.74 1.09
CA LYS A 133 -14.76 29.67 1.65
C LYS A 133 -15.66 30.75 1.07
N ASN A 134 -15.14 31.96 0.92
CA ASN A 134 -15.91 33.07 0.35
C ASN A 134 -16.29 32.84 -1.11
N THR A 135 -15.31 32.44 -1.94
CA THR A 135 -15.56 32.16 -3.37
C THR A 135 -16.74 31.20 -3.51
N CYS A 136 -16.64 30.09 -2.80
CA CYS A 136 -17.70 29.10 -2.77
C CYS A 136 -19.02 29.74 -2.32
N GLU A 137 -19.03 30.37 -1.13
CA GLU A 137 -20.22 31.07 -0.56
C GLU A 137 -20.92 31.99 -1.55
N ILE A 138 -20.11 32.79 -2.26
CA ILE A 138 -20.61 33.79 -3.19
C ILE A 138 -21.18 33.12 -4.45
N LEU A 139 -20.52 32.06 -4.93
CA LEU A 139 -21.03 31.28 -6.06
C LEU A 139 -22.33 30.51 -5.75
N LEU A 140 -22.50 30.06 -4.51
CA LEU A 140 -23.74 29.42 -4.08
C LEU A 140 -24.91 30.39 -4.06
N SER A 141 -24.68 31.62 -3.57
CA SER A 141 -25.71 32.69 -3.60
C SER A 141 -26.24 32.89 -5.01
N ARG A 142 -25.32 33.02 -5.95
CA ARG A 142 -25.65 33.28 -7.34
C ARG A 142 -26.30 32.09 -8.04
N TYR A 143 -25.81 30.88 -7.78
CA TYR A 143 -26.42 29.67 -8.35
C TYR A 143 -27.89 29.52 -7.97
N LYS A 144 -28.21 29.76 -6.68
CA LYS A 144 -29.59 29.74 -6.18
C LYS A 144 -30.52 30.70 -6.91
N ARG A 145 -30.03 31.89 -7.21
CA ARG A 145 -30.80 32.89 -7.96
C ARG A 145 -31.08 32.41 -9.40
N LYS A 146 -30.05 31.93 -10.11
CA LYS A 146 -30.24 31.15 -11.34
C LYS A 146 -29.03 30.27 -11.69
N SER A 147 -29.31 29.06 -12.18
CA SER A 147 -28.27 28.19 -12.70
C SER A 147 -27.65 28.89 -13.90
N PHE A 148 -26.34 29.14 -13.81
CA PHE A 148 -25.54 29.71 -14.89
C PHE A 148 -24.53 28.67 -15.42
N LEU A 149 -24.69 27.42 -14.99
CA LEU A 149 -23.76 26.34 -15.29
C LEU A 149 -23.85 25.85 -16.73
N HIS A 150 -25.00 26.12 -17.36
CA HIS A 150 -25.23 25.82 -18.77
C HIS A 150 -24.42 26.77 -19.65
N ARG A 151 -24.03 27.90 -19.08
CA ARG A 151 -23.21 28.88 -19.77
C ARG A 151 -21.70 28.74 -19.52
N ILE A 152 -21.31 27.81 -18.64
CA ILE A 152 -19.90 27.64 -18.23
C ILE A 152 -19.04 26.90 -19.26
N VAL A 153 -17.90 27.52 -19.58
CA VAL A 153 -16.85 26.92 -20.40
C VAL A 153 -15.56 26.99 -19.58
N THR A 154 -14.94 25.84 -19.34
CA THR A 154 -13.68 25.78 -18.57
C THR A 154 -12.62 25.00 -19.26
N GLY A 155 -11.40 25.21 -18.83
CA GLY A 155 -10.28 24.39 -19.25
C GLY A 155 -9.04 24.56 -18.42
N ASP A 156 -8.14 23.61 -18.59
CA ASP A 156 -6.88 23.66 -17.90
C ASP A 156 -5.86 22.89 -18.71
N GLU A 157 -4.60 23.04 -18.33
CA GLU A 157 -3.49 22.38 -18.98
C GLU A 157 -3.00 21.28 -18.05
N LYS A 158 -2.56 20.17 -18.65
CA LYS A 158 -2.07 18.97 -17.95
C LYS A 158 -1.11 18.13 -18.81
N TRP A 159 -0.13 17.50 -18.16
CA TRP A 159 0.86 16.65 -18.84
C TRP A 159 0.33 15.24 -19.21
N ILE A 160 0.87 14.66 -20.27
CA ILE A 160 0.59 13.27 -20.68
C ILE A 160 1.86 12.57 -21.09
N PHE A 161 2.31 11.58 -20.33
CA PHE A 161 3.58 10.90 -20.62
C PHE A 161 3.34 9.81 -21.67
N PHE A 162 4.34 9.55 -22.50
CA PHE A 162 4.23 8.54 -23.56
C PHE A 162 4.13 7.13 -22.98
N VAL A 163 4.76 6.89 -21.81
CA VAL A 163 4.51 5.70 -21.00
C VAL A 163 4.03 6.09 -19.62
N ASN A 164 3.11 5.28 -19.09
CA ASN A 164 2.51 5.50 -17.78
C ASN A 164 2.56 4.18 -16.99
N PRO A 165 3.77 3.76 -16.55
CA PRO A 165 3.86 2.55 -15.77
C PRO A 165 3.19 2.63 -14.41
N LYS A 166 2.65 1.49 -13.97
CA LYS A 166 2.08 1.32 -12.63
C LYS A 166 2.65 0.06 -12.02
N ARG A 167 2.73 0.04 -10.69
CA ARG A 167 3.21 -1.14 -9.97
C ARG A 167 2.22 -2.30 -10.09
N LYS A 168 2.74 -3.49 -10.39
CA LYS A 168 1.92 -4.68 -10.53
C LYS A 168 1.59 -5.23 -9.16
N LYS A 169 0.55 -6.08 -9.08
CA LYS A 169 0.19 -6.80 -7.86
C LYS A 169 0.07 -8.28 -8.16
N SER A 170 0.96 -9.08 -7.59
CA SER A 170 1.07 -10.49 -7.90
C SER A 170 0.37 -11.30 -6.86
N TYR A 171 -0.27 -12.39 -7.30
CA TYR A 171 -0.82 -13.42 -6.41
C TYR A 171 0.15 -14.59 -6.39
N VAL A 172 0.80 -14.75 -5.24
CA VAL A 172 1.90 -15.67 -5.13
C VAL A 172 2.01 -16.15 -3.67
N ASP A 173 2.57 -17.34 -3.48
CA ASP A 173 2.80 -17.89 -2.15
C ASP A 173 3.59 -16.91 -1.28
N PRO A 174 3.32 -16.85 0.02
CA PRO A 174 4.08 -15.92 0.87
C PRO A 174 5.57 -16.26 0.88
N GLY A 175 6.41 -15.24 0.84
CA GLY A 175 7.86 -15.43 0.73
C GLY A 175 8.38 -15.35 -0.70
N GLN A 176 7.50 -15.50 -1.70
CA GLN A 176 7.86 -15.30 -3.10
C GLN A 176 7.81 -13.82 -3.48
N PRO A 177 8.62 -13.42 -4.48
CA PRO A 177 8.58 -12.05 -4.97
C PRO A 177 7.42 -11.79 -5.92
N ALA A 178 7.08 -10.52 -6.08
CA ALA A 178 6.08 -10.08 -7.06
C ALA A 178 6.76 -9.61 -8.36
N THR A 179 5.94 -9.51 -9.41
CA THR A 179 6.40 -8.95 -10.69
C THR A 179 6.84 -7.50 -10.46
N SER A 180 8.14 -7.27 -10.51
CA SER A 180 8.69 -5.90 -10.51
C SER A 180 8.41 -5.19 -11.83
N THR A 181 8.37 -3.87 -11.77
CA THR A 181 8.10 -3.00 -12.92
C THR A 181 9.22 -1.99 -13.07
N ALA A 182 9.49 -1.58 -14.32
CA ALA A 182 10.52 -0.58 -14.65
C ALA A 182 10.03 0.87 -14.48
N ARG A 183 10.73 1.60 -13.62
CA ARG A 183 10.31 2.90 -13.08
C ARG A 183 10.18 3.96 -14.19
N PRO A 184 9.26 4.94 -14.03
CA PRO A 184 9.03 5.90 -15.12
C PRO A 184 10.14 6.93 -15.19
N ASN A 185 10.56 7.29 -16.42
CA ASN A 185 11.51 8.40 -16.63
C ASN A 185 10.78 9.72 -16.42
N ARG A 186 11.14 10.48 -15.38
CA ARG A 186 10.45 11.78 -15.11
C ARG A 186 10.75 12.79 -16.24
N PHE A 187 11.82 12.51 -16.99
CA PHE A 187 12.17 13.19 -18.20
C PHE A 187 12.13 12.24 -19.39
N GLY A 188 11.01 11.55 -19.54
CA GLY A 188 10.71 10.83 -20.77
C GLY A 188 9.85 11.72 -21.64
N LYS A 189 9.46 11.18 -22.79
CA LYS A 189 8.62 11.90 -23.76
C LYS A 189 7.25 12.27 -23.19
N LYS A 190 6.79 13.48 -23.46
CA LYS A 190 5.49 13.95 -22.94
C LYS A 190 4.94 15.14 -23.73
N THR A 191 3.65 15.40 -23.50
CA THR A 191 2.91 16.44 -24.20
C THR A 191 2.02 17.17 -23.22
N MET A 192 2.10 18.50 -23.20
CA MET A 192 1.14 19.30 -22.45
C MET A 192 -0.15 19.38 -23.26
N LEU A 193 -1.25 18.96 -22.62
CA LEU A 193 -2.59 19.01 -23.19
C LEU A 193 -3.34 20.24 -22.66
N CYS A 194 -3.58 21.20 -23.55
CA CYS A 194 -4.42 22.36 -23.24
C CYS A 194 -5.79 22.08 -23.84
N VAL A 195 -6.81 22.10 -23.00
CA VAL A 195 -8.15 21.67 -23.39
C VAL A 195 -9.23 22.43 -22.62
N TRP A 196 -10.25 22.88 -23.36
CA TRP A 196 -11.38 23.61 -22.80
C TRP A 196 -12.64 22.92 -23.30
N TRP A 197 -13.67 22.94 -22.45
CA TRP A 197 -14.87 22.13 -22.65
C TRP A 197 -16.10 22.71 -21.93
N ASP A 198 -17.25 22.57 -22.59
CA ASP A 198 -18.55 23.00 -22.08
C ASP A 198 -19.22 21.80 -21.46
N GLN A 199 -20.38 22.03 -20.82
CA GLN A 199 -21.20 20.90 -20.40
C GLN A 199 -21.69 20.00 -21.55
N SER A 200 -21.74 20.55 -22.77
CA SER A 200 -22.01 19.77 -24.00
C SER A 200 -20.98 18.66 -24.27
N GLY A 201 -19.74 19.06 -24.49
CA GLY A 201 -18.66 18.11 -24.76
C GLY A 201 -17.34 18.84 -24.65
N VAL A 202 -16.30 18.30 -25.29
CA VAL A 202 -15.08 19.07 -25.52
C VAL A 202 -15.36 20.10 -26.61
N ILE A 203 -14.73 21.26 -26.52
CA ILE A 203 -14.87 22.30 -27.53
C ILE A 203 -13.65 22.27 -28.45
N TYR A 204 -12.50 22.61 -27.90
CA TYR A 204 -11.25 22.75 -28.65
C TYR A 204 -10.11 22.38 -27.72
N TYR A 205 -9.03 21.89 -28.31
CA TYR A 205 -7.83 21.60 -27.55
C TYR A 205 -6.61 21.57 -28.46
N GLU A 206 -5.45 21.85 -27.86
CA GLU A 206 -4.16 21.77 -28.53
C GLU A 206 -3.27 20.78 -27.77
N LEU A 207 -2.18 20.39 -28.40
CA LEU A 207 -1.23 19.42 -27.86
C LEU A 207 0.17 19.96 -28.11
N LEU A 208 0.80 20.47 -27.05
CA LEU A 208 2.11 21.14 -27.15
C LEU A 208 3.26 20.13 -27.04
N LYS A 209 4.23 20.20 -27.96
CA LYS A 209 5.47 19.44 -27.82
C LYS A 209 6.31 20.16 -26.76
N PRO A 210 7.10 19.41 -25.98
CA PRO A 210 7.83 20.06 -24.90
C PRO A 210 8.96 20.88 -25.51
N GLY A 211 9.13 22.11 -25.02
CA GLY A 211 9.91 23.14 -25.71
C GLY A 211 9.04 24.16 -26.41
N GLU A 212 7.72 24.06 -26.21
CA GLU A 212 6.76 25.12 -26.55
C GLU A 212 6.09 25.55 -25.24
N THR A 213 6.72 26.48 -24.53
CA THR A 213 6.21 26.94 -23.24
C THR A 213 4.91 27.71 -23.36
N VAL A 214 4.14 27.73 -22.27
CA VAL A 214 2.89 28.47 -22.21
C VAL A 214 3.20 29.90 -21.77
N ASN A 215 3.24 30.84 -22.73
CA ASN A 215 3.33 32.27 -22.45
C ASN A 215 1.93 32.85 -22.60
N ALA A 216 1.70 34.00 -21.98
CA ALA A 216 0.46 34.76 -22.19
C ALA A 216 0.22 34.95 -23.68
N ALA A 217 1.28 35.16 -24.44
CA ALA A 217 1.24 35.29 -25.90
C ALA A 217 0.67 34.06 -26.60
N ARG A 218 1.08 32.88 -26.14
CA ARG A 218 0.51 31.62 -26.62
C ARG A 218 -0.94 31.47 -26.21
N TYR A 219 -1.19 31.70 -24.92
CA TYR A 219 -2.51 31.48 -24.30
C TYR A 219 -3.62 32.30 -24.99
N GLN A 220 -3.32 33.54 -25.38
CA GLN A 220 -4.25 34.34 -26.19
C GLN A 220 -4.55 33.67 -27.53
N GLN A 221 -3.50 33.23 -28.21
CA GLN A 221 -3.63 32.52 -29.50
C GLN A 221 -4.54 31.30 -29.39
N GLN A 222 -4.44 30.62 -28.26
CA GLN A 222 -5.34 29.50 -27.94
C GLN A 222 -6.76 29.99 -27.66
N LEU A 223 -6.90 31.10 -26.93
CA LEU A 223 -8.21 31.71 -26.69
C LEU A 223 -8.92 32.17 -27.96
N ILE A 224 -8.16 32.64 -28.95
CA ILE A 224 -8.75 33.03 -30.23
C ILE A 224 -9.27 31.76 -30.92
N ASN A 225 -8.38 30.78 -31.11
CA ASN A 225 -8.76 29.51 -31.73
C ASN A 225 -9.85 28.78 -30.98
N LEU A 226 -9.92 29.02 -29.67
CA LEU A 226 -11.03 28.58 -28.85
C LEU A 226 -12.32 29.28 -29.28
N ASN A 227 -12.30 30.60 -29.35
CA ASN A 227 -13.49 31.35 -29.78
C ASN A 227 -13.92 30.97 -31.20
N ARG A 228 -12.93 30.85 -32.10
CA ARG A 228 -13.19 30.36 -33.46
C ARG A 228 -14.01 29.09 -33.42
N ALA A 229 -13.52 28.11 -32.67
CA ALA A 229 -14.18 26.84 -32.51
C ALA A 229 -15.56 27.00 -31.86
N LEU A 230 -15.63 27.78 -30.77
CA LEU A 230 -16.88 27.98 -30.01
C LEU A 230 -18.00 28.63 -30.84
N GLN A 231 -17.64 29.61 -31.67
CA GLN A 231 -18.60 30.29 -32.54
C GLN A 231 -19.21 29.38 -33.63
N ARG A 232 -18.40 28.44 -34.16
CA ARG A 232 -18.85 27.47 -35.21
C ARG A 232 -19.43 26.15 -34.65
N LYS A 233 -19.00 25.80 -33.44
CA LYS A 233 -19.55 24.65 -32.70
C LYS A 233 -20.80 24.99 -31.87
N ARG A 234 -20.97 26.25 -31.44
CA ARG A 234 -22.17 26.69 -30.70
C ARG A 234 -22.67 28.06 -31.23
N ARG A 243 -24.91 33.76 -23.08
CA ARG A 243 -23.56 34.35 -22.95
C ARG A 243 -22.52 33.29 -22.47
N VAL A 244 -21.23 33.65 -22.41
CA VAL A 244 -20.16 32.76 -21.92
C VAL A 244 -19.63 33.16 -20.54
N ILE A 245 -19.33 32.15 -19.73
CA ILE A 245 -18.78 32.28 -18.37
C ILE A 245 -17.55 31.39 -18.24
N PHE A 246 -16.38 32.01 -18.10
CA PHE A 246 -15.11 31.31 -18.15
C PHE A 246 -14.61 31.00 -16.74
N LEU A 247 -14.07 29.80 -16.56
CA LEU A 247 -13.41 29.40 -15.32
C LEU A 247 -12.11 28.65 -15.64
N HIS A 248 -11.02 29.10 -15.02
CA HIS A 248 -9.71 28.50 -15.25
C HIS A 248 -8.77 28.86 -14.12
N ASP A 249 -7.76 28.02 -13.92
CA ASP A 249 -6.92 28.13 -12.72
C ASP A 249 -6.07 29.41 -12.76
N ASN A 250 -5.72 29.96 -11.60
CA ASN A 250 -5.00 31.24 -11.51
C ASN A 250 -3.51 31.14 -11.88
N ALA A 251 -3.20 30.60 -13.05
CA ALA A 251 -1.81 30.48 -13.48
C ALA A 251 -1.29 31.88 -13.89
N PRO A 252 0.04 32.09 -13.94
CA PRO A 252 0.51 33.43 -14.31
C PRO A 252 0.20 33.84 -15.76
N SER A 253 0.11 32.88 -16.67
CA SER A 253 -0.35 33.13 -18.06
C SER A 253 -1.83 33.48 -18.13
N HIS A 254 -2.57 32.99 -17.13
CA HIS A 254 -3.99 33.21 -17.01
C HIS A 254 -4.25 34.54 -16.30
N THR A 255 -3.43 34.86 -15.29
CA THR A 255 -3.48 36.15 -14.57
C THR A 255 -2.90 37.35 -15.36
N ALA A 256 -2.14 37.06 -16.42
CA ALA A 256 -1.59 38.09 -17.28
C ALA A 256 -2.63 39.16 -17.63
N ARG A 257 -2.26 40.42 -17.42
CA ARG A 257 -3.01 41.58 -17.88
C ARG A 257 -3.28 41.51 -19.39
N ALA A 258 -2.26 41.07 -20.15
CA ALA A 258 -2.39 40.79 -21.58
C ALA A 258 -3.65 39.97 -21.90
N VAL A 259 -3.81 38.87 -21.18
CA VAL A 259 -4.94 37.96 -21.38
C VAL A 259 -6.27 38.53 -20.82
N ARG A 260 -6.22 39.18 -19.66
CA ARG A 260 -7.42 39.82 -19.11
C ARG A 260 -8.05 40.87 -20.03
N ASP A 261 -7.23 41.54 -20.84
CA ASP A 261 -7.74 42.38 -21.94
C ASP A 261 -8.45 41.51 -22.97
N THR A 262 -7.78 40.45 -23.43
CA THR A 262 -8.34 39.51 -24.41
C THR A 262 -9.65 38.87 -23.92
N LEU A 263 -9.79 38.71 -22.61
CA LEU A 263 -11.03 38.18 -22.03
C LEU A 263 -12.17 39.19 -22.03
N GLU A 264 -11.86 40.49 -21.93
CA GLU A 264 -12.87 41.54 -22.18
C GLU A 264 -13.24 41.63 -23.66
N THR A 265 -12.23 41.69 -24.53
CA THR A 265 -12.41 41.77 -25.99
C THR A 265 -13.34 40.68 -26.53
N LEU A 266 -13.11 39.45 -26.12
CA LEU A 266 -14.03 38.34 -26.40
C LEU A 266 -15.39 38.57 -25.71
N ASN A 267 -15.33 39.19 -24.53
CA ASN A 267 -16.49 39.52 -23.71
C ASN A 267 -16.97 38.29 -22.95
N TRP A 268 -16.01 37.55 -22.39
CA TRP A 268 -16.26 36.39 -21.57
C TRP A 268 -16.01 36.77 -20.13
N GLU A 269 -16.98 36.47 -19.28
CA GLU A 269 -16.90 36.77 -17.85
C GLU A 269 -16.06 35.72 -17.16
N VAL A 270 -14.99 36.16 -16.50
CA VAL A 270 -14.13 35.25 -15.76
C VAL A 270 -14.78 34.96 -14.41
N LEU A 271 -14.82 33.68 -14.03
CA LEU A 271 -15.34 33.29 -12.72
C LEU A 271 -14.25 33.46 -11.68
N PRO A 272 -14.64 33.90 -10.47
CA PRO A 272 -13.67 34.00 -9.39
C PRO A 272 -13.30 32.61 -8.91
N HIS A 273 -12.02 32.41 -8.70
CA HIS A 273 -11.50 31.10 -8.35
C HIS A 273 -10.37 31.32 -7.37
N ALA A 274 -10.40 30.61 -6.24
CA ALA A 274 -9.37 30.74 -5.23
C ALA A 274 -8.14 29.92 -5.61
N ALA A 275 -7.00 30.32 -5.07
CA ALA A 275 -5.74 29.65 -5.33
C ALA A 275 -5.73 28.28 -4.69
N TYR A 276 -5.10 27.32 -5.35
CA TYR A 276 -4.92 25.95 -4.87
C TYR A 276 -6.24 25.20 -4.66
N SER A 277 -7.11 25.29 -5.64
CA SER A 277 -8.38 24.59 -5.61
C SER A 277 -8.56 23.82 -6.93
N PRO A 278 -7.75 22.77 -7.13
CA PRO A 278 -8.03 21.85 -8.22
C PRO A 278 -9.22 20.96 -7.90
N ASP A 279 -9.56 20.85 -6.61
CA ASP A 279 -10.76 20.16 -6.17
C ASP A 279 -12.05 20.89 -6.54
N LEU A 280 -11.97 22.18 -6.84
CA LEU A 280 -13.09 22.95 -7.40
C LEU A 280 -12.91 23.32 -8.89
N ALA A 281 -12.10 22.53 -9.60
CA ALA A 281 -11.82 22.76 -11.01
C ALA A 281 -12.29 21.54 -11.79
N PRO A 282 -13.50 21.62 -12.40
CA PRO A 282 -14.07 20.50 -13.16
C PRO A 282 -13.08 19.77 -14.04
N SER A 283 -12.24 20.51 -14.75
CA SER A 283 -11.22 19.93 -15.59
C SER A 283 -10.33 18.99 -14.78
N ASP A 284 -9.91 19.45 -13.61
CA ASP A 284 -9.07 18.65 -12.73
C ASP A 284 -9.85 17.49 -12.14
N TYR A 285 -10.75 17.75 -11.20
CA TYR A 285 -11.37 16.65 -10.44
C TYR A 285 -12.17 15.62 -11.26
N HIS A 286 -12.84 16.05 -12.32
CA HIS A 286 -13.69 15.17 -13.12
C HIS A 286 -13.01 14.71 -14.43
N LEU A 287 -12.75 15.62 -15.36
CA LEU A 287 -12.30 15.27 -16.71
C LEU A 287 -10.95 14.56 -16.76
N PHE A 288 -9.94 15.19 -16.17
CA PHE A 288 -8.59 14.61 -16.12
C PHE A 288 -8.54 13.33 -15.28
N ALA A 289 -9.29 13.29 -14.18
CA ALA A 289 -9.34 12.15 -13.28
C ALA A 289 -9.74 10.89 -14.00
N SER A 290 -10.83 10.97 -14.76
CA SER A 290 -11.26 9.87 -15.63
C SER A 290 -10.13 9.42 -16.56
N MET A 291 -9.44 10.39 -17.14
CA MET A 291 -8.34 10.13 -18.06
C MET A 291 -7.21 9.37 -17.36
N GLY A 292 -6.90 9.75 -16.12
CA GLY A 292 -5.89 9.05 -15.30
C GLY A 292 -5.96 7.53 -15.29
N HIS A 293 -7.17 6.99 -15.21
CA HIS A 293 -7.39 5.54 -15.25
C HIS A 293 -7.16 4.99 -16.65
N ALA A 294 -7.76 5.63 -17.66
CA ALA A 294 -7.61 5.20 -19.05
C ALA A 294 -6.15 5.29 -19.53
N LEU A 295 -5.37 6.17 -18.89
CA LEU A 295 -3.95 6.32 -19.18
C LEU A 295 -3.03 5.28 -18.54
N ALA A 296 -3.47 4.61 -17.49
CA ALA A 296 -2.64 3.58 -16.89
C ALA A 296 -2.19 2.54 -17.93
N GLU A 297 -0.97 2.04 -17.73
CA GLU A 297 -0.29 1.09 -18.63
C GLU A 297 -0.55 1.35 -20.12
N GLN A 298 -0.46 2.61 -20.51
CA GLN A 298 -0.61 3.01 -21.90
C GLN A 298 0.73 3.43 -22.45
N ARG A 299 0.95 3.10 -23.71
CA ARG A 299 2.14 3.52 -24.42
C ARG A 299 1.79 4.15 -25.75
N PHE A 300 2.62 5.09 -26.17
CA PHE A 300 2.40 5.86 -27.37
C PHE A 300 3.69 5.86 -28.18
N ASP A 301 3.53 5.78 -29.51
CA ASP A 301 4.66 5.96 -30.43
C ASP A 301 4.98 7.41 -30.62
N SER A 302 3.97 8.17 -31.04
CA SER A 302 4.14 9.50 -31.60
C SER A 302 3.11 10.45 -30.99
N TYR A 303 3.12 11.71 -31.43
CA TYR A 303 2.18 12.72 -30.93
C TYR A 303 0.78 12.52 -31.53
N GLU A 304 0.72 12.06 -32.78
CA GLU A 304 -0.55 11.70 -33.43
C GLU A 304 -1.12 10.40 -32.85
N SER A 305 -0.29 9.58 -32.21
CA SER A 305 -0.79 8.40 -31.48
C SER A 305 -1.58 8.88 -30.24
N VAL A 306 -1.15 9.99 -29.64
CA VAL A 306 -1.85 10.58 -28.48
C VAL A 306 -3.14 11.23 -28.95
N LYS A 307 -3.04 12.10 -29.96
CA LYS A 307 -4.22 12.80 -30.48
C LYS A 307 -5.28 11.82 -30.94
N LYS A 308 -4.88 10.81 -31.71
CA LYS A 308 -5.78 9.78 -32.19
C LYS A 308 -6.52 9.10 -31.03
N TRP A 309 -5.79 8.76 -29.98
CA TRP A 309 -6.36 8.15 -28.78
C TRP A 309 -7.35 9.08 -28.08
N LEU A 310 -7.01 10.36 -27.98
CA LEU A 310 -7.88 11.37 -27.36
C LEU A 310 -9.20 11.51 -28.10
N ASP A 311 -9.10 11.69 -29.42
CA ASP A 311 -10.26 11.88 -30.29
C ASP A 311 -11.26 10.75 -30.11
N GLU A 312 -10.79 9.51 -30.23
CA GLU A 312 -11.65 8.33 -30.00
C GLU A 312 -12.27 8.41 -28.60
N TRP A 313 -11.42 8.68 -27.60
CA TRP A 313 -11.80 8.62 -26.18
C TRP A 313 -12.78 9.72 -25.69
N PHE A 314 -12.68 10.93 -26.23
CA PHE A 314 -13.66 12.00 -25.93
C PHE A 314 -15.04 11.65 -26.48
N ALA A 315 -15.08 11.37 -27.78
CA ALA A 315 -16.32 11.00 -28.48
C ALA A 315 -16.98 9.74 -27.89
N ALA A 316 -16.15 8.79 -27.43
CA ALA A 316 -16.62 7.55 -26.79
C ALA A 316 -17.45 7.78 -25.52
N LYS A 317 -17.20 8.89 -24.82
CA LYS A 317 -18.02 9.25 -23.65
C LYS A 317 -19.39 9.72 -24.02
N ASP A 318 -20.31 9.58 -23.07
CA ASP A 318 -21.62 10.18 -23.17
C ASP A 318 -21.50 11.70 -23.12
N ASP A 319 -22.62 12.36 -23.41
CA ASP A 319 -22.76 13.80 -23.16
C ASP A 319 -23.05 13.95 -21.68
N GLU A 320 -23.95 13.10 -21.20
CA GLU A 320 -24.24 12.96 -19.77
C GLU A 320 -22.99 12.94 -18.86
N PHE A 321 -21.86 12.49 -19.39
CA PHE A 321 -20.58 12.54 -18.69
C PHE A 321 -20.16 13.96 -18.38
N TYR A 322 -20.06 14.76 -19.43
CA TYR A 322 -19.49 16.10 -19.30
C TYR A 322 -20.41 16.96 -18.43
N TRP A 323 -21.68 16.99 -18.81
CA TRP A 323 -22.72 17.65 -18.03
C TRP A 323 -22.59 17.36 -16.53
N ARG A 324 -22.42 16.07 -16.22
CA ARG A 324 -22.43 15.60 -14.83
C ARG A 324 -21.32 16.27 -14.02
N GLY A 325 -20.12 16.33 -14.58
CA GLY A 325 -18.97 16.92 -13.90
C GLY A 325 -19.09 18.41 -13.68
N ILE A 326 -19.68 19.12 -14.64
CA ILE A 326 -19.92 20.56 -14.51
C ILE A 326 -20.95 20.77 -13.41
N HIS A 327 -22.08 20.09 -13.54
CA HIS A 327 -23.19 20.25 -12.58
C HIS A 327 -22.89 19.75 -11.15
N LYS A 328 -21.82 18.97 -10.96
CA LYS A 328 -21.38 18.58 -9.62
C LYS A 328 -20.76 19.75 -8.81
N LEU A 329 -20.48 20.89 -9.47
CA LEU A 329 -19.93 22.10 -8.82
C LEU A 329 -20.60 22.55 -7.50
N PRO A 330 -21.89 22.90 -7.54
CA PRO A 330 -22.51 23.47 -6.33
C PRO A 330 -22.62 22.49 -5.14
N GLU A 331 -22.66 21.19 -5.43
CA GLU A 331 -22.50 20.17 -4.41
C GLU A 331 -21.18 20.38 -3.66
N ARG A 332 -20.13 20.65 -4.40
CA ARG A 332 -18.78 20.82 -3.85
C ARG A 332 -18.60 22.16 -3.17
N TRP A 333 -19.21 23.20 -3.72
CA TRP A 333 -19.17 24.50 -3.10
C TRP A 333 -19.73 24.45 -1.68
N GLU A 334 -20.84 23.74 -1.50
CA GLU A 334 -21.44 23.55 -0.16
C GLU A 334 -20.50 22.87 0.83
N LYS A 335 -19.81 21.84 0.36
CA LYS A 335 -18.85 21.11 1.20
C LYS A 335 -17.75 22.04 1.64
N CYS A 336 -17.16 22.71 0.66
CA CYS A 336 -16.14 23.72 0.88
C CYS A 336 -16.56 24.73 1.97
N VAL A 337 -17.81 25.20 1.93
CA VAL A 337 -18.34 26.15 2.93
C VAL A 337 -18.50 25.47 4.28
N ALA A 338 -18.98 24.22 4.27
CA ALA A 338 -19.09 23.42 5.48
C ALA A 338 -17.73 23.11 6.12
N SER A 339 -16.66 23.09 5.34
CA SER A 339 -15.32 22.88 5.86
C SER A 339 -14.57 24.15 6.28
N ASP A 340 -15.26 25.30 6.35
CA ASP A 340 -14.62 26.61 6.61
C ASP A 340 -13.46 26.92 5.65
N GLY A 341 -13.61 26.48 4.40
CA GLY A 341 -12.56 26.64 3.39
C GLY A 341 -11.60 25.48 3.20
N LYS A 342 -11.57 24.53 4.15
CA LYS A 342 -10.63 23.41 4.11
C LYS A 342 -10.87 22.45 2.96
N TYR A 343 -9.92 21.54 2.78
CA TYR A 343 -10.09 20.44 1.85
C TYR A 343 -11.12 19.45 2.40
N PHE A 344 -12.38 19.64 2.02
CA PHE A 344 -13.40 18.59 2.10
C PHE A 344 -13.01 17.38 1.25
N GLU A 345 -13.48 16.20 1.67
CA GLU A 345 -13.34 14.90 0.98
C GLU A 345 -11.88 14.41 0.97
N SER B 3 -37.62 -30.69 29.44
CA SER B 3 -36.38 -30.10 30.04
C SER B 3 -35.24 -30.05 29.09
N PHE B 4 -34.83 -31.20 28.55
CA PHE B 4 -33.60 -31.33 27.77
C PHE B 4 -33.75 -32.29 26.59
N VAL B 5 -33.29 -31.84 25.42
CA VAL B 5 -33.24 -32.65 24.22
C VAL B 5 -31.77 -32.78 23.79
N PRO B 6 -31.28 -34.02 23.59
CA PRO B 6 -29.88 -34.21 23.18
C PRO B 6 -29.70 -34.07 21.69
N ASN B 7 -28.54 -33.61 21.27
CA ASN B 7 -28.18 -33.48 19.85
C ASN B 7 -27.70 -34.82 19.25
N LYS B 8 -27.19 -34.78 18.02
CA LYS B 8 -26.65 -35.97 17.35
C LYS B 8 -25.46 -36.55 18.09
N GLU B 9 -24.50 -35.69 18.43
CA GLU B 9 -23.24 -36.11 19.06
C GLU B 9 -23.46 -36.77 20.41
N GLN B 10 -24.24 -36.10 21.26
CA GLN B 10 -24.54 -36.58 22.62
C GLN B 10 -25.25 -37.94 22.59
N THR B 11 -26.17 -38.12 21.64
CA THR B 11 -26.86 -39.38 21.38
C THR B 11 -25.88 -40.50 21.01
N ARG B 12 -24.94 -40.20 20.10
CA ARG B 12 -23.95 -41.20 19.65
C ARG B 12 -22.94 -41.59 20.74
N THR B 13 -22.61 -40.64 21.62
CA THR B 13 -21.78 -40.91 22.79
C THR B 13 -22.46 -41.94 23.71
N VAL B 14 -23.75 -41.76 23.96
CA VAL B 14 -24.52 -42.67 24.79
C VAL B 14 -24.51 -44.09 24.19
N LEU B 15 -24.57 -44.19 22.87
CA LEU B 15 -24.45 -45.51 22.22
C LEU B 15 -23.08 -46.16 22.45
N ILE B 16 -22.02 -45.34 22.47
CA ILE B 16 -20.69 -45.81 22.86
C ILE B 16 -20.77 -46.36 24.30
N PHE B 17 -21.43 -45.61 25.17
CA PHE B 17 -21.58 -45.98 26.58
C PHE B 17 -22.28 -47.32 26.70
N CYS B 18 -23.45 -47.44 26.10
CA CYS B 18 -24.21 -48.70 26.13
C CYS B 18 -23.40 -49.89 25.59
N PHE B 19 -22.74 -49.68 24.47
CA PHE B 19 -21.87 -50.69 23.85
C PHE B 19 -20.81 -51.22 24.82
N HIS B 20 -20.09 -50.30 25.47
CA HIS B 20 -19.07 -50.65 26.49
C HIS B 20 -19.66 -51.32 27.72
N LEU B 21 -20.94 -51.04 28.02
CA LEU B 21 -21.68 -51.76 29.05
C LEU B 21 -22.20 -53.12 28.58
N LYS B 22 -21.69 -53.60 27.44
CA LYS B 22 -22.02 -54.91 26.90
C LYS B 22 -23.51 -55.03 26.58
N LYS B 23 -24.16 -53.91 26.25
CA LYS B 23 -25.60 -53.92 25.98
C LYS B 23 -25.85 -54.32 24.54
N THR B 24 -27.07 -54.79 24.30
CA THR B 24 -27.52 -55.19 22.97
C THR B 24 -28.07 -53.93 22.31
N ALA B 25 -28.21 -53.97 20.98
CA ALA B 25 -28.61 -52.77 20.23
C ALA B 25 -29.98 -52.29 20.66
N ALA B 26 -30.97 -53.17 20.56
CA ALA B 26 -32.34 -52.83 20.92
C ALA B 26 -32.50 -52.47 22.40
N GLU B 27 -31.71 -53.07 23.29
CA GLU B 27 -31.76 -52.71 24.72
C GLU B 27 -31.49 -51.25 24.89
N SER B 28 -30.38 -50.81 24.31
CA SER B 28 -29.97 -49.42 24.36
C SER B 28 -31.07 -48.48 23.88
N HIS B 29 -31.65 -48.79 22.71
CA HIS B 29 -32.73 -48.00 22.14
C HIS B 29 -33.87 -47.77 23.14
N ARG B 30 -34.30 -48.82 23.85
CA ARG B 30 -35.33 -48.70 24.89
C ARG B 30 -34.92 -47.76 26.03
N MET B 31 -33.63 -47.78 26.41
CA MET B 31 -33.11 -46.88 27.43
C MET B 31 -33.08 -45.44 26.96
N LEU B 32 -32.75 -45.23 25.70
CA LEU B 32 -32.79 -43.88 25.12
C LEU B 32 -34.17 -43.24 25.26
N VAL B 33 -35.21 -44.03 25.03
CA VAL B 33 -36.60 -43.55 25.11
C VAL B 33 -36.99 -43.37 26.57
N GLU B 34 -36.58 -44.30 27.43
CA GLU B 34 -36.80 -44.16 28.88
C GLU B 34 -36.25 -42.83 29.41
N ALA B 35 -35.11 -42.41 28.84
CA ALA B 35 -34.47 -41.15 29.21
C ALA B 35 -35.12 -39.95 28.53
N PHE B 36 -35.03 -39.93 27.21
CA PHE B 36 -35.31 -38.71 26.44
C PHE B 36 -36.66 -38.66 25.72
N GLY B 37 -37.50 -39.66 25.91
CA GLY B 37 -38.78 -39.73 25.22
C GLY B 37 -38.63 -40.14 23.77
N GLU B 38 -39.71 -39.93 23.01
CA GLU B 38 -39.86 -40.54 21.68
C GLU B 38 -39.05 -39.80 20.58
N GLN B 39 -38.25 -38.79 20.94
CA GLN B 39 -37.55 -37.94 19.96
C GLN B 39 -36.37 -38.68 19.31
N VAL B 40 -35.83 -39.65 20.03
CA VAL B 40 -34.59 -40.33 19.68
C VAL B 40 -34.70 -41.21 18.44
N PRO B 41 -33.55 -41.70 17.92
CA PRO B 41 -33.60 -42.39 16.64
C PRO B 41 -34.20 -43.78 16.69
N THR B 42 -34.34 -44.37 15.53
CA THR B 42 -34.85 -45.72 15.39
C THR B 42 -33.87 -46.73 15.97
N VAL B 43 -34.35 -47.96 16.15
CA VAL B 43 -33.47 -49.07 16.52
C VAL B 43 -32.45 -49.36 15.42
N LYS B 44 -32.86 -49.12 14.17
CA LYS B 44 -32.04 -49.48 13.03
C LYS B 44 -30.74 -48.72 13.04
N THR B 45 -30.77 -47.44 13.40
CA THR B 45 -29.53 -46.66 13.45
C THR B 45 -28.66 -47.10 14.61
N CYS B 46 -29.26 -47.44 15.74
CA CYS B 46 -28.48 -48.00 16.84
C CYS B 46 -27.69 -49.24 16.41
N GLU B 47 -28.38 -50.16 15.73
CA GLU B 47 -27.76 -51.38 15.15
C GLU B 47 -26.58 -51.05 14.22
N ARG B 48 -26.72 -49.97 13.44
CA ARG B 48 -25.67 -49.52 12.54
C ARG B 48 -24.45 -49.04 13.30
N TRP B 49 -24.62 -48.07 14.20
CA TRP B 49 -23.49 -47.55 15.00
C TRP B 49 -22.72 -48.64 15.77
N PHE B 50 -23.45 -49.66 16.23
CA PHE B 50 -22.84 -50.84 16.83
C PHE B 50 -21.88 -51.54 15.88
N GLN B 51 -22.22 -51.59 14.59
CA GLN B 51 -21.28 -52.13 13.58
C GLN B 51 -19.98 -51.34 13.56
N ARG B 52 -20.09 -50.01 13.55
CA ARG B 52 -18.89 -49.15 13.55
C ARG B 52 -18.03 -49.27 14.80
N PHE B 53 -18.68 -49.43 15.94
CA PHE B 53 -17.95 -49.66 17.17
C PHE B 53 -17.23 -51.03 17.16
N LYS B 54 -17.88 -52.06 16.61
CA LYS B 54 -17.23 -53.39 16.43
C LYS B 54 -15.96 -53.36 15.55
N SER B 55 -15.85 -52.35 14.68
CA SER B 55 -14.59 -52.06 13.99
C SER B 55 -13.90 -50.85 14.63
N GLY B 56 -13.94 -50.74 15.95
CA GLY B 56 -13.27 -49.66 16.69
C GLY B 56 -13.31 -48.23 16.18
N ASP B 57 -14.34 -47.86 15.40
CA ASP B 57 -14.48 -46.50 14.89
C ASP B 57 -15.40 -45.72 15.80
N PHE B 58 -14.83 -45.08 16.81
CA PHE B 58 -15.59 -44.27 17.77
C PHE B 58 -15.64 -42.79 17.39
N ASP B 59 -15.37 -42.48 16.12
CA ASP B 59 -15.65 -41.15 15.60
C ASP B 59 -17.15 -40.95 15.67
N VAL B 60 -17.55 -39.84 16.27
CA VAL B 60 -18.95 -39.47 16.42
C VAL B 60 -19.42 -38.56 15.24
N ASP B 61 -18.53 -37.68 14.75
CA ASP B 61 -18.83 -36.83 13.58
C ASP B 61 -19.16 -37.66 12.36
N ASP B 62 -20.05 -37.15 11.52
CA ASP B 62 -20.39 -37.84 10.29
C ASP B 62 -19.13 -38.01 9.47
N LYS B 63 -19.11 -39.02 8.64
CA LYS B 63 -18.19 -39.05 7.51
C LYS B 63 -18.65 -37.92 6.61
N GLU B 64 -17.71 -37.28 5.90
CA GLU B 64 -18.03 -36.09 5.11
C GLU B 64 -19.02 -36.45 3.99
N HIS B 65 -20.10 -35.68 3.89
CA HIS B 65 -21.21 -35.98 2.95
C HIS B 65 -20.78 -35.67 1.51
N GLY B 66 -21.65 -36.03 0.58
CA GLY B 66 -21.53 -35.61 -0.81
C GLY B 66 -21.44 -34.11 -0.92
N LYS B 67 -20.93 -33.67 -2.06
CA LYS B 67 -20.71 -32.25 -2.34
C LYS B 67 -20.63 -32.04 -3.85
N PRO B 68 -20.91 -30.82 -4.34
CA PRO B 68 -20.85 -30.61 -5.77
C PRO B 68 -19.40 -30.71 -6.25
N PRO B 69 -19.17 -31.34 -7.41
CA PRO B 69 -17.80 -31.47 -7.91
C PRO B 69 -17.19 -30.14 -8.35
N LYS B 70 -15.86 -30.03 -8.24
CA LYS B 70 -15.17 -28.77 -8.55
C LYS B 70 -15.21 -28.46 -10.05
N ARG B 71 -15.42 -27.18 -10.37
CA ARG B 71 -15.56 -26.75 -11.76
C ARG B 71 -14.20 -26.71 -12.43
N TYR B 72 -13.21 -26.35 -11.63
CA TYR B 72 -11.83 -26.35 -12.02
C TYR B 72 -11.03 -26.82 -10.82
N GLU B 73 -9.77 -27.19 -11.05
CA GLU B 73 -8.90 -27.69 -10.00
C GLU B 73 -7.80 -26.73 -9.61
N ASP B 74 -7.27 -26.91 -8.41
CA ASP B 74 -6.24 -26.02 -7.85
C ASP B 74 -5.10 -25.73 -8.83
N ALA B 75 -4.60 -26.77 -9.49
CA ALA B 75 -3.50 -26.66 -10.43
C ALA B 75 -3.90 -26.03 -11.75
N GLU B 76 -5.18 -26.08 -12.10
CA GLU B 76 -5.71 -25.37 -13.29
C GLU B 76 -5.68 -23.85 -13.14
N LEU B 77 -5.85 -23.39 -11.89
CA LEU B 77 -5.67 -21.98 -11.52
C LEU B 77 -4.20 -21.62 -11.33
N GLN B 78 -3.45 -22.51 -10.68
CA GLN B 78 -2.01 -22.34 -10.51
C GLN B 78 -1.29 -22.13 -11.83
N ALA B 79 -1.68 -22.92 -12.84
CA ALA B 79 -1.20 -22.78 -14.22
C ALA B 79 -1.30 -21.35 -14.76
N LEU B 80 -2.42 -20.70 -14.47
CA LEU B 80 -2.67 -19.33 -14.89
C LEU B 80 -1.81 -18.29 -14.15
N LEU B 81 -1.48 -18.56 -12.89
CA LEU B 81 -0.61 -17.67 -12.11
C LEU B 81 0.86 -17.79 -12.48
N ASP B 82 1.28 -18.98 -12.94
CA ASP B 82 2.65 -19.18 -13.46
C ASP B 82 2.86 -18.45 -14.79
N GLU B 83 1.85 -18.49 -15.66
CA GLU B 83 1.79 -17.64 -16.87
C GLU B 83 1.94 -16.16 -16.52
N ASP B 84 1.15 -15.69 -15.55
CA ASP B 84 1.09 -14.27 -15.21
C ASP B 84 0.67 -14.05 -13.74
N ASP B 85 1.69 -13.86 -12.89
CA ASP B 85 1.55 -13.58 -11.44
C ASP B 85 0.45 -12.56 -11.14
N ALA B 86 0.58 -11.39 -11.78
CA ALA B 86 -0.25 -10.22 -11.50
C ALA B 86 -1.44 -10.13 -12.43
N GLN B 87 -2.59 -10.56 -11.94
CA GLN B 87 -3.79 -10.69 -12.76
C GLN B 87 -4.99 -10.46 -11.85
N THR B 88 -5.98 -9.70 -12.31
CA THR B 88 -7.18 -9.41 -11.50
C THR B 88 -8.06 -10.61 -11.35
N GLN B 89 -8.79 -10.69 -10.24
CA GLN B 89 -9.66 -11.82 -9.99
C GLN B 89 -10.72 -12.02 -11.06
N LYS B 90 -11.27 -10.93 -11.58
CA LYS B 90 -12.24 -11.04 -12.68
C LYS B 90 -11.61 -11.55 -13.97
N GLN B 91 -10.31 -11.31 -14.18
CA GLN B 91 -9.62 -11.81 -15.38
C GLN B 91 -9.41 -13.31 -15.32
N LEU B 92 -8.95 -13.80 -14.18
CA LEU B 92 -8.79 -15.24 -13.92
C LEU B 92 -10.14 -15.95 -14.00
N ALA B 93 -11.14 -15.38 -13.32
CA ALA B 93 -12.50 -15.88 -13.31
C ALA B 93 -13.08 -16.11 -14.70
N GLU B 94 -12.84 -15.17 -15.62
CA GLU B 94 -13.29 -15.32 -17.01
C GLU B 94 -12.64 -16.54 -17.70
N GLN B 95 -11.35 -16.76 -17.46
CA GLN B 95 -10.64 -17.90 -18.06
C GLN B 95 -11.13 -19.23 -17.50
N LEU B 96 -11.34 -19.28 -16.18
CA LEU B 96 -11.91 -20.50 -15.51
C LEU B 96 -13.42 -20.70 -15.67
N GLU B 97 -14.11 -19.70 -16.21
CA GLU B 97 -15.55 -19.74 -16.46
C GLU B 97 -16.37 -19.77 -15.17
N VAL B 98 -15.84 -19.10 -14.15
CA VAL B 98 -16.40 -19.08 -12.82
C VAL B 98 -16.53 -17.61 -12.41
N SER B 99 -17.03 -17.30 -11.22
CA SER B 99 -17.20 -15.90 -10.79
C SER B 99 -15.95 -15.35 -10.11
N GLN B 100 -15.92 -14.03 -9.94
CA GLN B 100 -14.84 -13.34 -9.21
C GLN B 100 -14.77 -13.82 -7.78
N GLN B 101 -15.95 -13.97 -7.17
CA GLN B 101 -16.08 -14.34 -5.76
C GLN B 101 -15.60 -15.76 -5.54
N ALA B 102 -15.83 -16.61 -6.54
CA ALA B 102 -15.35 -17.99 -6.53
C ALA B 102 -13.84 -18.06 -6.36
N VAL B 103 -13.14 -17.31 -7.21
CA VAL B 103 -11.70 -17.28 -7.18
C VAL B 103 -11.18 -16.67 -5.89
N SER B 104 -11.76 -15.56 -5.45
CA SER B 104 -11.42 -14.96 -4.17
C SER B 104 -11.18 -16.01 -3.07
N ASN B 105 -12.10 -16.96 -2.97
CA ASN B 105 -12.01 -18.04 -1.99
C ASN B 105 -10.89 -18.99 -2.31
N ARG B 106 -10.87 -19.51 -3.55
CA ARG B 106 -9.89 -20.55 -3.96
C ARG B 106 -8.42 -20.12 -3.85
N LEU B 107 -8.17 -18.81 -3.93
CA LEU B 107 -6.85 -18.25 -3.65
C LEU B 107 -6.48 -18.28 -2.16
N ARG B 108 -7.47 -18.29 -1.29
CA ARG B 108 -7.23 -18.45 0.15
C ARG B 108 -7.35 -19.88 0.59
N GLU B 109 -8.10 -20.70 -0.14
CA GLU B 109 -8.14 -22.14 0.05
C GLU B 109 -6.74 -22.65 -0.29
N MET B 110 -6.17 -22.16 -1.39
CA MET B 110 -4.72 -22.27 -1.63
C MET B 110 -3.98 -21.24 -0.75
N GLY B 111 -2.66 -21.28 -0.74
CA GLY B 111 -1.88 -20.44 0.20
C GLY B 111 -1.73 -18.96 -0.11
N LYS B 112 -2.36 -18.49 -1.19
CA LYS B 112 -1.92 -17.26 -1.89
C LYS B 112 -2.23 -15.95 -1.18
N ILE B 113 -1.41 -14.93 -1.46
CA ILE B 113 -1.63 -13.55 -1.01
C ILE B 113 -1.23 -12.55 -2.11
N GLN B 114 -1.70 -11.31 -1.98
CA GLN B 114 -1.41 -10.23 -2.92
C GLN B 114 -0.19 -9.47 -2.44
N LYS B 115 0.84 -9.36 -3.28
CA LYS B 115 2.04 -8.56 -2.97
C LYS B 115 2.23 -7.51 -4.04
N VAL B 116 2.91 -6.43 -3.68
CA VAL B 116 3.11 -5.29 -4.60
C VAL B 116 4.42 -5.36 -5.37
N GLY B 117 4.32 -4.99 -6.64
CA GLY B 117 5.43 -5.05 -7.59
C GLY B 117 6.54 -4.07 -7.26
N ARG B 118 7.65 -4.62 -6.82
CA ARG B 118 8.82 -3.85 -6.46
C ARG B 118 9.30 -2.92 -7.62
N TRP B 119 9.62 -1.66 -7.31
CA TRP B 119 10.16 -0.70 -8.31
C TRP B 119 11.64 -0.97 -8.57
N VAL B 120 12.05 -0.85 -9.83
CA VAL B 120 13.48 -0.95 -10.19
C VAL B 120 13.93 0.28 -11.01
N PRO B 121 15.23 0.62 -10.96
CA PRO B 121 15.69 1.90 -11.51
C PRO B 121 15.46 2.17 -13.00
N HIS B 122 15.39 1.14 -13.82
CA HIS B 122 15.42 1.34 -15.28
C HIS B 122 15.02 0.12 -16.11
N GLU B 123 14.52 0.36 -17.33
CA GLU B 123 14.31 -0.71 -18.30
C GLU B 123 15.66 -0.96 -18.97
N LEU B 124 16.21 -2.16 -18.81
CA LEU B 124 17.56 -2.46 -19.33
C LEU B 124 17.56 -3.09 -20.71
N ASN B 125 18.55 -2.73 -21.50
CA ASN B 125 18.89 -3.42 -22.75
C ASN B 125 19.56 -4.75 -22.54
N GLU B 126 19.56 -5.56 -23.59
CA GLU B 126 20.31 -6.80 -23.59
C GLU B 126 21.80 -6.47 -23.38
N ARG B 127 22.29 -5.41 -24.03
CA ARG B 127 23.68 -5.00 -23.86
C ARG B 127 23.92 -4.47 -22.44
N GLN B 128 23.20 -3.42 -22.06
CA GLN B 128 23.28 -2.84 -20.71
C GLN B 128 23.38 -3.85 -19.56
N MET B 129 22.65 -4.96 -19.69
CA MET B 129 22.79 -6.08 -18.75
C MET B 129 24.21 -6.64 -18.77
N GLU B 130 24.65 -7.17 -19.91
CA GLU B 130 25.98 -7.82 -19.98
C GLU B 130 27.12 -6.82 -19.72
N ARG B 131 26.90 -5.55 -20.05
CA ARG B 131 27.79 -4.44 -19.68
C ARG B 131 27.93 -4.38 -18.16
N ARG B 132 26.79 -4.46 -17.47
CA ARG B 132 26.82 -4.53 -16.03
C ARG B 132 27.38 -5.84 -15.47
N LYS B 133 26.99 -6.96 -16.07
CA LYS B 133 27.47 -8.30 -15.66
C LYS B 133 29.01 -8.39 -15.68
N ASN B 134 29.62 -7.83 -16.71
CA ASN B 134 31.08 -7.84 -16.82
C ASN B 134 31.76 -7.03 -15.73
N THR B 135 31.30 -5.80 -15.50
CA THR B 135 31.86 -4.94 -14.44
C THR B 135 31.91 -5.71 -13.12
N CYS B 136 30.76 -6.28 -12.74
CA CYS B 136 30.64 -7.10 -11.55
C CYS B 136 31.65 -8.25 -11.61
N GLU B 137 31.58 -9.07 -12.67
CA GLU B 137 32.52 -10.21 -12.88
C GLU B 137 33.99 -9.87 -12.69
N ILE B 138 34.39 -8.74 -13.26
CA ILE B 138 35.78 -8.31 -13.26
C ILE B 138 36.19 -7.82 -11.87
N LEU B 139 35.28 -7.13 -11.19
CA LEU B 139 35.53 -6.70 -9.80
C LEU B 139 35.60 -7.87 -8.81
N LEU B 140 34.83 -8.93 -9.05
CA LEU B 140 34.90 -10.14 -8.22
C LEU B 140 36.23 -10.86 -8.37
N SER B 141 36.76 -10.95 -9.58
CA SER B 141 38.10 -11.52 -9.84
C SER B 141 39.14 -10.82 -8.99
N ARG B 142 39.13 -9.50 -9.04
CA ARG B 142 40.09 -8.67 -8.34
C ARG B 142 39.95 -8.71 -6.81
N TYR B 143 38.70 -8.67 -6.32
CA TYR B 143 38.44 -8.77 -4.88
C TYR B 143 39.00 -10.05 -4.27
N LYS B 144 38.78 -11.17 -4.96
CA LYS B 144 39.33 -12.49 -4.54
C LYS B 144 40.85 -12.48 -4.39
N ARG B 145 41.55 -11.80 -5.31
CA ARG B 145 43.02 -11.70 -5.20
C ARG B 145 43.40 -10.91 -3.97
N LYS B 146 42.77 -9.74 -3.79
CA LYS B 146 42.88 -9.01 -2.53
C LYS B 146 41.73 -8.03 -2.32
N SER B 147 41.27 -7.93 -1.08
CA SER B 147 40.30 -6.91 -0.69
C SER B 147 40.97 -5.55 -0.87
N PHE B 148 40.36 -4.73 -1.71
CA PHE B 148 40.80 -3.35 -1.95
C PHE B 148 39.74 -2.36 -1.43
N LEU B 149 38.75 -2.90 -0.68
CA LEU B 149 37.58 -2.15 -0.21
C LEU B 149 37.91 -1.21 0.95
N HIS B 150 39.03 -1.49 1.63
CA HIS B 150 39.55 -0.59 2.67
C HIS B 150 40.16 0.68 2.04
N ARG B 151 40.49 0.62 0.76
CA ARG B 151 41.04 1.76 0.02
C ARG B 151 39.96 2.57 -0.72
N ILE B 152 38.71 2.10 -0.71
CA ILE B 152 37.61 2.73 -1.48
C ILE B 152 37.05 4.00 -0.84
N VAL B 153 36.98 5.05 -1.65
CA VAL B 153 36.33 6.31 -1.32
C VAL B 153 35.31 6.58 -2.42
N THR B 154 34.03 6.69 -2.05
CA THR B 154 32.95 6.89 -3.02
C THR B 154 32.04 8.04 -2.58
N GLY B 155 31.31 8.60 -3.55
CA GLY B 155 30.33 9.63 -3.27
C GLY B 155 29.38 9.88 -4.42
N ASP B 156 28.27 10.52 -4.09
CA ASP B 156 27.29 10.85 -5.08
C ASP B 156 26.53 12.07 -4.60
N GLU B 157 25.75 12.65 -5.50
CA GLU B 157 24.93 13.80 -5.22
C GLU B 157 23.48 13.36 -5.14
N LYS B 158 22.71 14.00 -4.24
CA LYS B 158 21.30 13.71 -4.00
C LYS B 158 20.54 14.91 -3.42
N TRP B 159 19.25 15.04 -3.76
CA TRP B 159 18.39 16.13 -3.26
C TRP B 159 17.87 15.92 -1.84
N ILE B 160 17.62 17.01 -1.13
CA ILE B 160 16.99 17.00 0.20
C ILE B 160 15.95 18.12 0.29
N PHE B 161 14.68 17.76 0.39
CA PHE B 161 13.61 18.76 0.45
C PHE B 161 13.44 19.28 1.88
N PHE B 162 13.04 20.55 2.03
CA PHE B 162 12.85 21.15 3.35
C PHE B 162 11.68 20.55 4.11
N VAL B 163 10.66 20.06 3.38
CA VAL B 163 9.64 19.17 3.95
C VAL B 163 9.60 17.85 3.19
N ASN B 164 9.37 16.77 3.93
CA ASN B 164 9.31 15.42 3.40
C ASN B 164 8.03 14.75 3.93
N PRO B 165 6.86 15.17 3.43
CA PRO B 165 5.63 14.53 3.87
C PRO B 165 5.54 13.07 3.46
N LYS B 166 4.89 12.30 4.32
CA LYS B 166 4.61 10.90 4.09
C LYS B 166 3.11 10.65 4.41
N ARG B 167 2.50 9.72 3.69
CA ARG B 167 1.07 9.40 3.91
C ARG B 167 0.88 8.76 5.27
N LYS B 168 -0.12 9.22 6.01
CA LYS B 168 -0.41 8.68 7.34
C LYS B 168 -1.15 7.36 7.19
N LYS B 169 -1.11 6.54 8.24
CA LYS B 169 -1.91 5.32 8.30
C LYS B 169 -2.69 5.31 9.60
N SER B 170 -4.03 5.37 9.50
CA SER B 170 -4.91 5.48 10.67
C SER B 170 -5.49 4.14 11.04
N TYR B 171 -5.60 3.90 12.34
CA TYR B 171 -6.36 2.76 12.88
C TYR B 171 -7.72 3.28 13.32
N VAL B 172 -8.74 2.87 12.60
CA VAL B 172 -10.07 3.41 12.77
C VAL B 172 -11.12 2.37 12.33
N ASP B 173 -12.33 2.50 12.88
CA ASP B 173 -13.44 1.64 12.47
C ASP B 173 -13.65 1.67 10.97
N PRO B 174 -14.06 0.55 10.36
CA PRO B 174 -14.29 0.55 8.92
C PRO B 174 -15.39 1.52 8.52
N GLY B 175 -15.20 2.26 7.43
CA GLY B 175 -16.14 3.29 7.02
C GLY B 175 -15.74 4.68 7.48
N GLN B 176 -14.87 4.78 8.48
CA GLN B 176 -14.33 6.06 8.92
C GLN B 176 -13.17 6.47 8.04
N PRO B 177 -12.92 7.78 7.92
CA PRO B 177 -11.77 8.24 7.15
C PRO B 177 -10.46 8.15 7.93
N ALA B 178 -9.36 8.15 7.19
CA ALA B 178 -8.01 8.25 7.74
C ALA B 178 -7.53 9.69 7.75
N THR B 179 -6.50 9.96 8.54
CA THR B 179 -5.87 11.26 8.57
C THR B 179 -5.29 11.54 7.18
N SER B 180 -5.92 12.47 6.44
CA SER B 180 -5.36 12.95 5.19
C SER B 180 -4.14 13.83 5.46
N THR B 181 -3.24 13.87 4.50
CA THR B 181 -1.96 14.58 4.65
C THR B 181 -1.59 15.31 3.35
N ALA B 182 -0.99 16.49 3.48
CA ALA B 182 -0.86 17.44 2.38
C ALA B 182 0.35 17.17 1.46
N ARG B 183 0.07 16.98 0.16
CA ARG B 183 1.04 16.50 -0.85
C ARG B 183 2.27 17.41 -1.00
N PRO B 184 3.45 16.82 -1.34
CA PRO B 184 4.68 17.66 -1.39
C PRO B 184 4.76 18.53 -2.62
N ASN B 185 5.22 19.77 -2.47
CA ASN B 185 5.49 20.64 -3.62
C ASN B 185 6.81 20.23 -4.28
N ARG B 186 6.72 19.77 -5.53
CA ARG B 186 7.90 19.28 -6.26
C ARG B 186 8.90 20.40 -6.54
N PHE B 187 8.42 21.64 -6.45
CA PHE B 187 9.24 22.83 -6.49
C PHE B 187 9.13 23.61 -5.20
N GLY B 188 9.33 22.91 -4.09
CA GLY B 188 9.53 23.57 -2.82
C GLY B 188 11.01 23.73 -2.60
N LYS B 189 11.37 24.29 -1.44
CA LYS B 189 12.75 24.52 -1.06
C LYS B 189 13.56 23.22 -0.96
N LYS B 190 14.78 23.21 -1.47
CA LYS B 190 15.63 22.01 -1.44
C LYS B 190 17.12 22.32 -1.62
N THR B 191 17.94 21.32 -1.30
CA THR B 191 19.40 21.44 -1.34
C THR B 191 20.00 20.19 -1.96
N MET B 192 20.86 20.34 -2.95
CA MET B 192 21.63 19.21 -3.44
C MET B 192 22.79 18.95 -2.46
N LEU B 193 22.84 17.71 -1.97
CA LEU B 193 23.90 17.24 -1.08
C LEU B 193 24.94 16.46 -1.86
N CYS B 194 26.15 17.02 -1.97
CA CYS B 194 27.31 16.33 -2.55
C CYS B 194 28.17 15.84 -1.42
N VAL B 195 28.40 14.53 -1.38
CA VAL B 195 29.02 13.90 -0.23
C VAL B 195 29.83 12.68 -0.66
N TRP B 196 31.04 12.58 -0.11
CA TRP B 196 31.94 11.47 -0.36
C TRP B 196 32.38 10.91 1.00
N TRP B 197 32.62 9.60 1.04
CA TRP B 197 32.83 8.87 2.29
C TRP B 197 33.64 7.57 2.11
N ASP B 198 34.51 7.28 3.08
CA ASP B 198 35.30 6.04 3.09
C ASP B 198 34.57 5.04 4.01
N GLN B 199 35.08 3.82 4.09
CA GLN B 199 34.55 2.84 5.06
C GLN B 199 34.69 3.29 6.52
N SER B 200 35.63 4.20 6.78
CA SER B 200 35.78 4.85 8.09
C SER B 200 34.55 5.65 8.51
N GLY B 201 34.23 6.68 7.75
CA GLY B 201 33.08 7.54 8.03
C GLY B 201 32.78 8.41 6.84
N VAL B 202 32.11 9.53 7.04
CA VAL B 202 32.05 10.59 6.04
C VAL B 202 33.40 11.31 6.02
N ILE B 203 33.82 11.77 4.84
CA ILE B 203 35.07 12.50 4.69
C ILE B 203 34.78 13.99 4.60
N TYR B 204 34.13 14.38 3.51
CA TYR B 204 33.83 15.78 3.22
C TYR B 204 32.51 15.83 2.46
N TYR B 205 31.79 16.94 2.59
CA TYR B 205 30.57 17.16 1.84
C TYR B 205 30.25 18.65 1.75
N GLU B 206 29.55 19.00 0.68
CA GLU B 206 29.05 20.35 0.46
C GLU B 206 27.54 20.30 0.33
N LEU B 207 26.93 21.47 0.39
CA LEU B 207 25.49 21.62 0.43
C LEU B 207 25.12 22.81 -0.50
N LEU B 208 24.66 22.50 -1.72
CA LEU B 208 24.42 23.50 -2.78
C LEU B 208 23.01 24.10 -2.67
N LYS B 209 22.90 25.44 -2.71
CA LYS B 209 21.58 26.09 -2.85
C LYS B 209 21.14 25.92 -4.30
N PRO B 210 19.82 25.78 -4.55
CA PRO B 210 19.40 25.54 -5.92
C PRO B 210 19.60 26.82 -6.74
N GLY B 211 20.15 26.65 -7.93
CA GLY B 211 20.73 27.77 -8.69
C GLY B 211 22.24 27.78 -8.64
N GLU B 212 22.84 26.75 -8.04
CA GLU B 212 24.27 26.46 -8.17
C GLU B 212 24.38 25.08 -8.82
N THR B 213 24.36 25.04 -10.16
CA THR B 213 24.41 23.77 -10.89
C THR B 213 25.78 23.10 -10.77
N VAL B 214 25.77 21.78 -10.98
CA VAL B 214 26.97 20.97 -10.92
C VAL B 214 27.61 20.97 -12.31
N ASN B 215 28.66 21.76 -12.48
CA ASN B 215 29.49 21.70 -13.67
C ASN B 215 30.72 20.93 -13.34
N ALA B 216 31.41 20.46 -14.37
CA ALA B 216 32.73 19.87 -14.22
C ALA B 216 33.63 20.82 -13.46
N ALA B 217 33.49 22.12 -13.74
CA ALA B 217 34.25 23.18 -13.06
C ALA B 217 34.02 23.21 -11.55
N ARG B 218 32.77 23.03 -11.15
CA ARG B 218 32.43 22.91 -9.74
C ARG B 218 32.96 21.62 -9.14
N TYR B 219 32.71 20.53 -9.86
CA TYR B 219 33.05 19.18 -9.39
C TYR B 219 34.56 19.01 -9.08
N GLN B 220 35.43 19.61 -9.91
CA GLN B 220 36.87 19.65 -9.62
C GLN B 220 37.17 20.38 -8.31
N GLN B 221 36.56 21.56 -8.16
CA GLN B 221 36.68 22.36 -6.92
C GLN B 221 36.29 21.56 -5.68
N GLN B 222 35.28 20.71 -5.83
CA GLN B 222 34.86 19.79 -4.77
C GLN B 222 35.89 18.68 -4.57
N LEU B 223 36.44 18.15 -5.67
CA LEU B 223 37.51 17.14 -5.61
C LEU B 223 38.79 17.64 -4.94
N ILE B 224 39.11 18.92 -5.13
CA ILE B 224 40.27 19.51 -4.45
C ILE B 224 39.96 19.55 -2.95
N ASN B 225 38.85 20.20 -2.59
CA ASN B 225 38.44 20.31 -1.17
C ASN B 225 38.22 18.95 -0.52
N LEU B 226 37.87 17.96 -1.33
CA LEU B 226 37.85 16.56 -0.91
C LEU B 226 39.26 16.08 -0.56
N ASN B 227 40.20 16.26 -1.49
CA ASN B 227 41.58 15.85 -1.23
C ASN B 227 42.18 16.59 -0.02
N ARG B 228 41.93 17.92 0.05
CA ARG B 228 42.26 18.75 1.23
C ARG B 228 41.86 18.05 2.53
N ALA B 229 40.58 17.71 2.59
CA ALA B 229 40.00 17.00 3.72
C ALA B 229 40.61 15.61 3.93
N LEU B 230 40.72 14.83 2.86
CA LEU B 230 41.26 13.44 2.93
C LEU B 230 42.71 13.36 3.42
N GLN B 231 43.54 14.30 2.96
CA GLN B 231 44.95 14.37 3.38
C GLN B 231 45.11 14.68 4.88
N ARG B 232 44.16 15.44 5.43
CA ARG B 232 44.08 15.69 6.87
C ARG B 232 43.45 14.54 7.70
N LYS B 233 43.23 13.34 7.11
CA LYS B 233 42.88 12.10 7.86
C LYS B 233 43.88 10.93 7.72
N ARG B 234 44.18 10.55 6.47
CA ARG B 234 44.55 9.15 6.14
C ARG B 234 45.76 8.97 5.19
N PRO B 235 46.52 7.84 5.32
CA PRO B 235 47.78 7.56 4.60
C PRO B 235 48.28 8.53 3.49
N ARG B 243 46.85 3.52 -0.90
CA ARG B 243 46.43 4.35 -2.05
C ARG B 243 44.90 4.57 -2.05
N VAL B 244 44.39 5.43 -2.95
CA VAL B 244 42.93 5.70 -3.07
C VAL B 244 42.32 5.09 -4.33
N ILE B 245 41.09 4.61 -4.18
CA ILE B 245 40.29 3.99 -5.23
C ILE B 245 38.91 4.65 -5.25
N PHE B 246 38.63 5.38 -6.32
CA PHE B 246 37.44 6.19 -6.41
C PHE B 246 36.34 5.46 -7.17
N LEU B 247 35.11 5.60 -6.68
CA LEU B 247 33.91 5.09 -7.35
C LEU B 247 32.82 6.14 -7.29
N HIS B 248 32.24 6.46 -8.44
CA HIS B 248 31.17 7.44 -8.53
C HIS B 248 30.38 7.26 -9.81
N ASP B 249 29.13 7.71 -9.81
CA ASP B 249 28.22 7.40 -10.90
C ASP B 249 28.63 8.12 -12.20
N ASN B 250 28.31 7.53 -13.35
CA ASN B 250 28.77 8.05 -14.65
C ASN B 250 28.02 9.29 -15.11
N ALA B 251 27.96 10.32 -14.27
CA ALA B 251 27.28 11.55 -14.63
C ALA B 251 28.13 12.32 -15.65
N PRO B 252 27.54 13.26 -16.42
CA PRO B 252 28.37 13.97 -17.39
C PRO B 252 29.45 14.86 -16.79
N SER B 253 29.23 15.40 -15.57
CA SER B 253 30.26 16.14 -14.81
C SER B 253 31.38 15.23 -14.31
N HIS B 254 31.04 13.97 -14.14
CA HIS B 254 31.94 12.94 -13.68
C HIS B 254 32.70 12.35 -14.87
N THR B 255 32.03 12.19 -16.02
CA THR B 255 32.64 11.73 -17.27
C THR B 255 33.50 12.80 -17.98
N ALA B 256 33.34 14.07 -17.59
CA ALA B 256 34.11 15.17 -18.15
C ALA B 256 35.60 14.82 -18.22
N ARG B 257 36.17 15.01 -19.41
CA ARG B 257 37.62 14.96 -19.64
C ARG B 257 38.37 15.89 -18.68
N ALA B 258 37.82 17.08 -18.47
CA ALA B 258 38.31 18.03 -17.47
C ALA B 258 38.59 17.35 -16.13
N VAL B 259 37.60 16.61 -15.64
CA VAL B 259 37.69 15.93 -14.34
C VAL B 259 38.60 14.68 -14.39
N ARG B 260 38.53 13.92 -15.49
CA ARG B 260 39.42 12.76 -15.66
C ARG B 260 40.92 13.10 -15.62
N ASP B 261 41.27 14.32 -16.07
CA ASP B 261 42.62 14.86 -15.85
C ASP B 261 42.88 15.08 -14.37
N THR B 262 41.95 15.78 -13.70
CA THR B 262 42.05 16.04 -12.25
C THR B 262 42.14 14.75 -11.44
N LEU B 263 41.53 13.67 -11.92
CA LEU B 263 41.61 12.37 -11.24
C LEU B 263 42.97 11.68 -11.42
N GLU B 264 43.65 11.92 -12.53
CA GLU B 264 45.06 11.51 -12.66
C GLU B 264 45.97 12.36 -11.78
N THR B 265 45.82 13.69 -11.86
CA THR B 265 46.63 14.65 -11.07
C THR B 265 46.62 14.35 -9.58
N LEU B 266 45.45 14.08 -9.03
CA LEU B 266 45.32 13.58 -7.66
C LEU B 266 45.96 12.19 -7.52
N ASN B 267 45.85 11.42 -8.59
CA ASN B 267 46.37 10.06 -8.71
C ASN B 267 45.46 9.07 -7.99
N TRP B 268 44.15 9.24 -8.22
CA TRP B 268 43.12 8.37 -7.70
C TRP B 268 42.60 7.51 -8.83
N GLU B 269 42.59 6.19 -8.59
CA GLU B 269 42.15 5.23 -9.59
C GLU B 269 40.65 5.21 -9.61
N VAL B 270 40.06 5.48 -10.76
CA VAL B 270 38.60 5.42 -10.93
C VAL B 270 38.16 3.96 -11.11
N LEU B 271 37.12 3.55 -10.38
CA LEU B 271 36.60 2.20 -10.52
C LEU B 271 35.65 2.17 -11.67
N PRO B 272 35.63 1.05 -12.41
CA PRO B 272 34.69 0.91 -13.51
C PRO B 272 33.31 0.70 -12.94
N HIS B 273 32.34 1.39 -13.53
CA HIS B 273 30.98 1.38 -13.04
C HIS B 273 30.05 1.44 -14.26
N ALA B 274 29.09 0.52 -14.33
CA ALA B 274 28.17 0.47 -15.45
C ALA B 274 27.09 1.51 -15.27
N ALA B 275 26.48 1.90 -16.38
CA ALA B 275 25.40 2.87 -16.37
C ALA B 275 24.15 2.27 -15.72
N TYR B 276 23.42 3.11 -15.00
CA TYR B 276 22.14 2.75 -14.38
C TYR B 276 22.27 1.66 -13.33
N SER B 277 23.27 1.81 -12.46
CA SER B 277 23.46 0.87 -11.37
C SER B 277 23.59 1.65 -10.06
N PRO B 278 22.48 2.23 -9.60
CA PRO B 278 22.48 2.80 -8.24
C PRO B 278 22.39 1.70 -7.23
N ASP B 279 21.95 0.51 -7.65
CA ASP B 279 21.95 -0.68 -6.81
C ASP B 279 23.34 -1.20 -6.51
N LEU B 280 24.34 -0.81 -7.31
CA LEU B 280 25.75 -1.09 -7.03
C LEU B 280 26.54 0.16 -6.62
N ALA B 281 25.86 1.17 -6.08
CA ALA B 281 26.47 2.40 -5.63
C ALA B 281 26.22 2.55 -4.14
N PRO B 282 27.21 2.22 -3.30
CA PRO B 282 27.08 2.29 -1.85
C PRO B 282 26.41 3.54 -1.34
N SER B 283 26.75 4.69 -1.91
CA SER B 283 26.13 5.94 -1.54
C SER B 283 24.62 5.85 -1.71
N ASP B 284 24.20 5.31 -2.84
CA ASP B 284 22.78 5.16 -3.14
C ASP B 284 22.16 4.11 -2.23
N TYR B 285 22.45 2.83 -2.47
CA TYR B 285 21.68 1.75 -1.81
C TYR B 285 21.77 1.74 -0.29
N HIS B 286 22.92 2.11 0.27
CA HIS B 286 23.13 2.08 1.73
C HIS B 286 23.00 3.44 2.40
N LEU B 287 23.91 4.38 2.10
CA LEU B 287 24.00 5.64 2.86
C LEU B 287 22.76 6.50 2.75
N PHE B 288 22.35 6.79 1.52
CA PHE B 288 21.16 7.61 1.27
C PHE B 288 19.86 6.93 1.71
N ALA B 289 19.79 5.61 1.53
CA ALA B 289 18.63 4.82 1.90
C ALA B 289 18.30 4.97 3.38
N SER B 290 19.32 4.80 4.22
CA SER B 290 19.19 5.05 5.67
C SER B 290 18.65 6.45 5.94
N MET B 291 19.18 7.43 5.21
CA MET B 291 18.78 8.82 5.33
C MET B 291 17.28 9.00 4.99
N GLY B 292 16.81 8.32 3.95
CA GLY B 292 15.41 8.33 3.55
C GLY B 292 14.41 8.17 4.69
N HIS B 293 14.72 7.25 5.60
CA HIS B 293 13.86 6.99 6.77
C HIS B 293 13.96 8.13 7.78
N ALA B 294 15.20 8.51 8.11
CA ALA B 294 15.41 9.61 9.06
C ALA B 294 14.87 10.94 8.55
N LEU B 295 14.73 11.08 7.22
CA LEU B 295 14.15 12.27 6.59
C LEU B 295 12.63 12.32 6.58
N ALA B 296 11.96 11.19 6.74
CA ALA B 296 10.51 11.20 6.78
C ALA B 296 10.01 12.18 7.85
N GLU B 297 8.88 12.80 7.54
CA GLU B 297 8.24 13.83 8.36
C GLU B 297 9.21 14.79 9.05
N GLN B 298 10.22 15.23 8.29
CA GLN B 298 11.19 16.20 8.78
C GLN B 298 10.95 17.54 8.11
N ARG B 299 11.12 18.60 8.89
CA ARG B 299 10.97 19.94 8.39
C ARG B 299 12.17 20.77 8.79
N PHE B 300 12.51 21.69 7.91
CA PHE B 300 13.69 22.51 8.08
C PHE B 300 13.28 23.97 7.88
N ASP B 301 13.88 24.84 8.69
CA ASP B 301 13.74 26.28 8.52
C ASP B 301 14.68 26.79 7.43
N SER B 302 15.95 26.51 7.59
CA SER B 302 17.02 27.15 6.80
C SER B 302 18.03 26.09 6.34
N TYR B 303 19.08 26.53 5.67
CA TYR B 303 20.11 25.63 5.15
C TYR B 303 21.05 25.12 6.26
N GLU B 304 21.27 25.95 7.28
CA GLU B 304 22.02 25.53 8.49
C GLU B 304 21.22 24.58 9.36
N SER B 305 19.91 24.58 9.18
CA SER B 305 19.06 23.61 9.85
C SER B 305 19.33 22.22 9.28
N VAL B 306 19.60 22.17 7.96
CA VAL B 306 19.92 20.93 7.27
C VAL B 306 21.31 20.47 7.66
N LYS B 307 22.28 21.36 7.54
CA LYS B 307 23.66 21.03 7.87
C LYS B 307 23.79 20.55 9.32
N LYS B 308 23.18 21.31 10.24
CA LYS B 308 23.18 20.95 11.65
C LYS B 308 22.64 19.54 11.88
N TRP B 309 21.52 19.21 11.22
CA TRP B 309 20.90 17.88 11.31
C TRP B 309 21.82 16.79 10.74
N LEU B 310 22.48 17.08 9.62
CA LEU B 310 23.42 16.14 8.99
C LEU B 310 24.61 15.82 9.91
N ASP B 311 25.24 16.89 10.42
CA ASP B 311 26.41 16.77 11.30
C ASP B 311 26.12 15.85 12.49
N GLU B 312 25.04 16.13 13.21
CA GLU B 312 24.60 15.29 14.31
C GLU B 312 24.42 13.87 13.82
N TRP B 313 23.69 13.70 12.71
CA TRP B 313 23.25 12.39 12.21
C TRP B 313 24.34 11.48 11.63
N PHE B 314 25.37 12.06 11.01
CA PHE B 314 26.54 11.28 10.57
C PHE B 314 27.32 10.73 11.76
N ALA B 315 27.73 11.64 12.66
CA ALA B 315 28.47 11.28 13.86
C ALA B 315 27.72 10.31 14.77
N ALA B 316 26.39 10.44 14.81
CA ALA B 316 25.51 9.55 15.59
C ALA B 316 25.59 8.09 15.18
N LYS B 317 25.89 7.84 13.90
CA LYS B 317 26.07 6.47 13.40
C LYS B 317 27.36 5.86 13.94
N ASP B 318 27.37 4.54 14.02
CA ASP B 318 28.60 3.79 14.30
C ASP B 318 29.57 3.91 13.13
N ASP B 319 30.78 3.41 13.33
CA ASP B 319 31.74 3.23 12.24
C ASP B 319 31.32 1.96 11.51
N GLU B 320 31.01 0.94 12.31
CA GLU B 320 30.44 -0.32 11.82
C GLU B 320 29.34 -0.14 10.78
N PHE B 321 28.62 0.98 10.82
CA PHE B 321 27.61 1.33 9.82
C PHE B 321 28.24 1.50 8.45
N TYR B 322 29.21 2.40 8.36
CA TYR B 322 29.76 2.80 7.08
C TYR B 322 30.49 1.62 6.46
N TRP B 323 31.40 1.03 7.25
CA TRP B 323 32.10 -0.19 6.88
C TRP B 323 31.15 -1.21 6.25
N ARG B 324 30.01 -1.45 6.90
CA ARG B 324 29.07 -2.51 6.48
C ARG B 324 28.63 -2.30 5.06
N GLY B 325 28.22 -1.07 4.75
CA GLY B 325 27.70 -0.74 3.44
C GLY B 325 28.70 -0.86 2.32
N ILE B 326 29.96 -0.50 2.61
CA ILE B 326 31.05 -0.63 1.63
C ILE B 326 31.31 -2.12 1.38
N HIS B 327 31.53 -2.84 2.48
CA HIS B 327 31.84 -4.27 2.40
C HIS B 327 30.69 -5.16 1.87
N LYS B 328 29.47 -4.64 1.81
CA LYS B 328 28.35 -5.36 1.18
C LYS B 328 28.46 -5.46 -0.36
N LEU B 329 29.41 -4.70 -0.95
CA LEU B 329 29.66 -4.71 -2.41
C LEU B 329 29.77 -6.07 -3.08
N PRO B 330 30.76 -6.90 -2.69
CA PRO B 330 30.98 -8.15 -3.43
C PRO B 330 29.86 -9.17 -3.30
N GLU B 331 29.08 -9.08 -2.22
CA GLU B 331 27.84 -9.82 -2.08
C GLU B 331 26.92 -9.49 -3.25
N ARG B 332 26.82 -8.20 -3.55
CA ARG B 332 25.94 -7.70 -4.61
C ARG B 332 26.47 -7.97 -6.00
N TRP B 333 27.80 -7.89 -6.16
CA TRP B 333 28.43 -8.21 -7.43
C TRP B 333 28.09 -9.65 -7.85
N GLU B 334 28.15 -10.59 -6.91
CA GLU B 334 27.77 -12.00 -7.18
C GLU B 334 26.33 -12.15 -7.65
N LYS B 335 25.42 -11.44 -7.00
CA LYS B 335 24.01 -11.45 -7.39
C LYS B 335 23.85 -10.95 -8.81
N CYS B 336 24.43 -9.77 -9.08
CA CYS B 336 24.47 -9.15 -10.41
C CYS B 336 24.93 -10.14 -11.48
N VAL B 337 25.97 -10.93 -11.17
CA VAL B 337 26.48 -11.94 -12.12
C VAL B 337 25.49 -13.11 -12.25
N ALA B 338 24.90 -13.51 -11.12
CA ALA B 338 23.87 -14.56 -11.12
C ALA B 338 22.61 -14.16 -11.87
N SER B 339 22.35 -12.86 -11.99
CA SER B 339 21.22 -12.37 -12.76
C SER B 339 21.51 -12.07 -14.24
N ASP B 340 22.67 -12.48 -14.75
CA ASP B 340 23.10 -12.15 -16.11
C ASP B 340 23.06 -10.64 -16.39
N GLY B 341 23.38 -9.85 -15.36
CA GLY B 341 23.35 -8.39 -15.44
C GLY B 341 22.05 -7.71 -14.98
N LYS B 342 20.98 -8.47 -14.81
CA LYS B 342 19.66 -7.90 -14.48
C LYS B 342 19.61 -7.32 -13.09
N TYR B 343 18.51 -6.63 -12.81
CA TYR B 343 18.25 -6.12 -11.48
C TYR B 343 17.89 -7.29 -10.57
N PHE B 344 18.92 -7.83 -9.92
CA PHE B 344 18.69 -8.64 -8.72
C PHE B 344 17.87 -7.73 -7.81
N GLU B 345 16.65 -8.13 -7.51
CA GLU B 345 15.88 -7.40 -6.53
C GLU B 345 16.70 -7.54 -5.22
MG MG I . -3.35 24.22 -14.96
MG MG J . 24.35 11.03 -8.62
#